data_3UOF
#
_entry.id   3UOF
#
_cell.length_a   122.797
_cell.length_b   122.797
_cell.length_c   174.691
_cell.angle_alpha   90.00
_cell.angle_beta   90.00
_cell.angle_gamma   90.00
#
_symmetry.space_group_name_H-M   'I 4'
#
loop_
_entity.id
_entity.type
_entity.pdbx_description
1 polymer Bacterioferritin
2 non-polymer 'FE (III) ION'
3 non-polymer 2-AMINO-2-HYDROXYMETHYL-PROPANE-1,3-DIOL
4 non-polymer 'PROTOPORPHYRIN IX CONTAINING FE'
5 water water
#
_entity_poly.entity_id   1
_entity_poly.type   'polypeptide(L)'
_entity_poly.pdbx_seq_one_letter_code
;MGMQGDPDVLRLLNEQLTSELTAINQYFLHSKMQDNWGFTELAAHTRAESFDEMRHAEEITDRILLLDGLPNYQRIGSLR
IGQTLREQFEADLAIEYDVLNRLKPGIVMCREKQDTTSAVLLEKIVADEEEHIDYLETQLELMDKLGEELYSAQCVSRPP
T
;
_entity_poly.pdbx_strand_id   A,B,C,D,E,F
#
loop_
_chem_comp.id
_chem_comp.type
_chem_comp.name
_chem_comp.formula
FE non-polymer 'FE (III) ION' 'Fe 3'
HEM non-polymer 'PROTOPORPHYRIN IX CONTAINING FE' 'C34 H32 Fe N4 O4'
TRS non-polymer 2-AMINO-2-HYDROXYMETHYL-PROPANE-1,3-DIOL 'C4 H12 N O3 1'
#
# COMPACT_ATOMS: atom_id res chain seq x y z
N MET A 3 -1.01 38.80 10.28
CA MET A 3 0.06 39.79 10.06
C MET A 3 0.07 40.25 8.60
N GLN A 4 0.50 41.51 8.38
CA GLN A 4 0.64 42.08 7.05
C GLN A 4 1.96 42.83 6.90
N GLY A 5 2.47 42.88 5.67
CA GLY A 5 3.75 43.52 5.41
C GLY A 5 3.55 44.89 4.82
N ASP A 6 4.53 45.76 5.03
CA ASP A 6 4.49 47.16 4.59
C ASP A 6 4.62 47.35 3.08
N PRO A 7 3.62 47.99 2.47
CA PRO A 7 3.46 48.15 1.02
C PRO A 7 4.66 48.61 0.20
N ASP A 8 5.61 49.30 0.85
CA ASP A 8 6.79 49.76 0.13
C ASP A 8 7.92 48.73 0.11
N VAL A 9 7.91 47.89 1.14
CA VAL A 9 8.75 46.72 1.15
C VAL A 9 8.15 45.83 0.09
N LEU A 10 6.90 45.43 0.30
CA LEU A 10 6.26 44.50 -0.62
C LEU A 10 6.64 44.77 -2.07
N ARG A 11 6.76 46.05 -2.40
CA ARG A 11 7.08 46.48 -3.75
C ARG A 11 8.54 46.18 -4.06
N LEU A 12 9.40 46.46 -3.07
CA LEU A 12 10.84 46.27 -3.21
C LEU A 12 11.18 44.78 -3.32
N LEU A 13 10.46 43.97 -2.56
CA LEU A 13 10.57 42.52 -2.63
C LEU A 13 10.14 41.99 -3.99
N ASN A 14 8.88 42.29 -4.32
CA ASN A 14 8.30 41.86 -5.58
C ASN A 14 9.00 42.46 -6.78
N GLU A 15 9.92 43.38 -6.51
CA GLU A 15 10.68 44.01 -7.58
C GLU A 15 12.02 43.31 -7.70
N GLN A 16 12.48 42.81 -6.57
CA GLN A 16 13.64 41.95 -6.59
C GLN A 16 13.22 40.57 -7.10
N LEU A 17 11.98 40.20 -6.83
CA LEU A 17 11.46 38.89 -7.25
C LEU A 17 11.59 38.74 -8.74
N THR A 18 11.40 39.85 -9.44
CA THR A 18 11.46 39.85 -10.87
C THR A 18 12.91 39.94 -11.32
N SER A 19 13.75 40.69 -10.60
CA SER A 19 15.15 40.78 -11.00
C SER A 19 15.77 39.39 -10.86
N GLU A 20 15.02 38.55 -10.18
CA GLU A 20 15.37 37.17 -10.01
C GLU A 20 14.84 36.38 -11.20
N LEU A 21 13.51 36.33 -11.33
CA LEU A 21 12.91 35.64 -12.46
C LEU A 21 13.65 35.99 -13.76
N THR A 22 13.97 37.27 -13.91
CA THR A 22 14.68 37.74 -15.10
C THR A 22 16.01 37.04 -15.24
N ALA A 23 16.82 37.13 -14.19
CA ALA A 23 18.17 36.58 -14.19
C ALA A 23 18.21 35.06 -14.37
N ILE A 24 17.17 34.37 -13.87
CA ILE A 24 17.10 32.91 -13.98
C ILE A 24 17.16 32.47 -15.43
N ASN A 25 16.44 33.16 -16.30
CA ASN A 25 16.39 32.81 -17.73
C ASN A 25 17.66 33.10 -18.54
N GLN A 26 18.11 34.34 -18.50
CA GLN A 26 19.38 34.69 -19.11
C GLN A 26 20.51 33.75 -18.71
N TYR A 27 20.74 33.63 -17.40
CA TYR A 27 21.78 32.77 -16.82
C TYR A 27 21.60 31.35 -17.36
N PHE A 28 20.43 30.79 -17.12
CA PHE A 28 20.17 29.45 -17.63
C PHE A 28 20.48 29.38 -19.12
N LEU A 29 19.76 30.18 -19.92
CA LEU A 29 19.93 30.16 -21.36
C LEU A 29 21.38 30.41 -21.75
N HIS A 30 22.01 31.37 -21.08
CA HIS A 30 23.42 31.66 -21.30
C HIS A 30 24.34 30.42 -21.13
N SER A 31 24.12 29.63 -20.08
CA SER A 31 24.90 28.41 -19.86
C SER A 31 24.60 27.35 -20.93
N LYS A 32 23.33 27.21 -21.28
CA LYS A 32 22.91 26.27 -22.31
C LYS A 32 23.54 26.60 -23.65
N MET A 33 23.75 27.90 -23.91
CA MET A 33 24.45 28.35 -25.11
C MET A 33 25.94 28.10 -24.98
N GLN A 34 26.52 28.53 -23.87
CA GLN A 34 27.91 28.18 -23.57
C GLN A 34 28.11 26.67 -23.79
N ASP A 35 27.09 25.89 -23.45
CA ASP A 35 27.12 24.45 -23.62
C ASP A 35 27.17 24.06 -25.09
N ASN A 36 26.32 24.69 -25.91
CA ASN A 36 26.18 24.32 -27.32
C ASN A 36 27.35 24.76 -28.17
N TRP A 37 27.97 25.89 -27.82
CA TRP A 37 29.19 26.35 -28.50
C TRP A 37 30.30 25.39 -28.14
N GLY A 38 30.37 25.05 -26.85
CA GLY A 38 31.22 23.97 -26.41
C GLY A 38 32.04 24.32 -25.19
N PHE A 39 31.71 25.45 -24.58
CA PHE A 39 32.39 25.84 -23.35
C PHE A 39 31.75 25.15 -22.14
N THR A 40 31.76 23.83 -22.18
CA THR A 40 31.11 22.98 -21.19
C THR A 40 31.57 23.21 -19.75
N GLU A 41 32.88 23.33 -19.55
CA GLU A 41 33.38 23.66 -18.22
C GLU A 41 32.60 24.85 -17.73
N LEU A 42 32.69 25.93 -18.49
CA LEU A 42 32.03 27.18 -18.17
C LEU A 42 30.52 27.02 -18.20
N ALA A 43 30.04 26.21 -19.12
CA ALA A 43 28.62 25.97 -19.21
C ALA A 43 28.08 25.65 -17.84
N ALA A 44 28.74 24.69 -17.18
CA ALA A 44 28.34 24.12 -15.90
C ALA A 44 28.23 25.16 -14.81
N HIS A 45 29.22 26.04 -14.74
CA HIS A 45 29.21 27.13 -13.78
C HIS A 45 28.11 28.19 -14.04
N THR A 46 27.93 28.65 -15.27
CA THR A 46 26.78 29.51 -15.53
C THR A 46 25.48 28.83 -15.07
N ARG A 47 25.37 27.53 -15.30
CA ARG A 47 24.21 26.78 -14.80
C ARG A 47 24.13 26.89 -13.30
N ALA A 48 25.29 26.92 -12.66
CA ALA A 48 25.38 27.01 -11.21
C ALA A 48 24.78 28.30 -10.69
N GLU A 49 25.17 29.41 -11.30
CA GLU A 49 24.68 30.70 -10.85
C GLU A 49 23.19 30.82 -11.08
N SER A 50 22.74 30.23 -12.18
CA SER A 50 21.34 30.20 -12.55
C SER A 50 20.46 29.64 -11.45
N PHE A 51 20.85 28.47 -10.95
CA PHE A 51 20.08 27.80 -9.91
C PHE A 51 20.12 28.62 -8.64
N ASP A 52 21.22 29.33 -8.45
CA ASP A 52 21.40 30.15 -7.28
C ASP A 52 20.34 31.24 -7.23
N GLU A 53 19.95 31.72 -8.41
CA GLU A 53 18.94 32.78 -8.50
C GLU A 53 17.52 32.23 -8.29
N MET A 54 17.30 31.00 -8.69
CA MET A 54 16.02 30.36 -8.39
C MET A 54 15.93 30.13 -6.89
N ARG A 55 17.09 30.12 -6.25
N ARG A 55 17.09 30.13 -6.24
CA ARG A 55 17.13 29.99 -4.81
CA ARG A 55 17.12 29.97 -4.80
C ARG A 55 16.62 31.28 -4.21
C ARG A 55 16.71 31.28 -4.15
N HIS A 56 17.09 32.39 -4.78
CA HIS A 56 16.77 33.73 -4.31
C HIS A 56 15.31 34.09 -4.53
N ALA A 57 14.82 33.79 -5.73
CA ALA A 57 13.41 33.96 -6.03
C ALA A 57 12.55 33.21 -5.02
N GLU A 58 12.84 31.93 -4.81
CA GLU A 58 12.03 31.12 -3.89
C GLU A 58 12.11 31.68 -2.46
N GLU A 59 13.20 32.39 -2.19
CA GLU A 59 13.41 32.95 -0.88
C GLU A 59 12.62 34.24 -0.71
N ILE A 60 12.65 35.05 -1.76
CA ILE A 60 11.88 36.28 -1.79
C ILE A 60 10.40 35.92 -1.72
N THR A 61 10.02 34.93 -2.52
CA THR A 61 8.64 34.45 -2.55
C THR A 61 8.21 34.04 -1.16
N ASP A 62 9.07 33.30 -0.46
CA ASP A 62 8.75 32.85 0.87
C ASP A 62 8.36 34.04 1.74
N ARG A 63 9.18 35.08 1.68
CA ARG A 63 8.98 36.29 2.46
C ARG A 63 7.63 37.00 2.21
N ILE A 64 7.34 37.28 0.94
CA ILE A 64 6.13 37.98 0.54
C ILE A 64 4.87 37.34 1.12
N LEU A 65 4.79 36.01 1.04
CA LEU A 65 3.61 35.28 1.51
C LEU A 65 3.45 35.42 3.01
N LEU A 66 4.58 35.58 3.70
CA LEU A 66 4.62 35.70 5.16
C LEU A 66 4.01 37.04 5.52
N LEU A 67 4.35 38.04 4.72
CA LEU A 67 3.87 39.40 4.85
C LEU A 67 2.43 39.51 4.31
N ASP A 68 1.97 38.42 3.72
CA ASP A 68 0.60 38.29 3.21
C ASP A 68 0.39 39.05 1.90
N GLY A 69 1.48 39.26 1.16
CA GLY A 69 1.42 39.88 -0.16
C GLY A 69 1.25 38.87 -1.28
N LEU A 70 1.19 39.36 -2.52
CA LEU A 70 1.01 38.50 -3.67
C LEU A 70 2.27 38.51 -4.51
N PRO A 71 3.11 37.48 -4.37
CA PRO A 71 4.36 37.46 -5.15
C PRO A 71 4.05 37.46 -6.64
N ASN A 72 4.77 38.27 -7.39
CA ASN A 72 4.50 38.41 -8.79
C ASN A 72 5.42 37.59 -9.68
N TYR A 73 4.92 36.46 -10.17
CA TYR A 73 5.68 35.61 -11.08
C TYR A 73 5.37 35.98 -12.52
N GLN A 74 4.34 36.82 -12.70
CA GLN A 74 3.84 37.15 -14.03
C GLN A 74 4.77 38.04 -14.86
N ARG A 75 5.34 39.09 -14.27
CA ARG A 75 6.22 39.96 -15.04
C ARG A 75 7.65 39.45 -15.19
N ILE A 76 8.39 40.07 -16.11
CA ILE A 76 9.79 39.74 -16.33
C ILE A 76 10.60 40.97 -16.73
N GLY A 77 11.91 40.90 -16.57
CA GLY A 77 12.75 41.99 -16.99
C GLY A 77 13.21 41.75 -18.39
N SER A 78 13.90 42.74 -18.95
CA SER A 78 14.38 42.65 -20.32
C SER A 78 15.77 41.99 -20.37
N LEU A 79 15.83 40.79 -20.92
CA LEU A 79 17.07 40.00 -20.91
C LEU A 79 18.09 40.49 -21.94
N ARG A 80 19.27 40.86 -21.47
CA ARG A 80 20.39 41.06 -22.37
C ARG A 80 20.96 39.68 -22.63
N ILE A 81 20.94 39.25 -23.89
CA ILE A 81 21.37 37.90 -24.21
C ILE A 81 22.61 37.88 -25.11
N GLY A 82 23.78 37.89 -24.48
CA GLY A 82 25.06 37.75 -25.18
C GLY A 82 25.30 36.59 -26.14
N GLN A 83 26.01 36.86 -27.23
CA GLN A 83 26.09 35.98 -28.38
C GLN A 83 27.56 35.69 -28.60
N THR A 84 28.34 36.13 -27.61
CA THR A 84 29.70 35.66 -27.41
C THR A 84 29.92 35.55 -25.91
N LEU A 85 30.96 34.82 -25.51
CA LEU A 85 31.32 34.73 -24.10
C LEU A 85 31.35 36.13 -23.53
N ARG A 86 32.24 36.95 -24.08
CA ARG A 86 32.42 38.29 -23.55
C ARG A 86 31.07 38.94 -23.39
N GLU A 87 30.37 39.09 -24.52
CA GLU A 87 29.03 39.68 -24.52
C GLU A 87 28.26 39.28 -23.26
N GLN A 88 28.00 37.97 -23.17
CA GLN A 88 27.26 37.36 -22.06
C GLN A 88 27.69 37.85 -20.66
N PHE A 89 28.98 37.75 -20.34
CA PHE A 89 29.50 38.31 -19.08
C PHE A 89 29.03 39.73 -18.86
N GLU A 90 29.20 40.58 -19.88
CA GLU A 90 28.69 41.94 -19.81
C GLU A 90 27.18 41.90 -19.58
N ALA A 91 26.49 41.14 -20.41
CA ALA A 91 25.03 41.10 -20.37
C ALA A 91 24.55 40.66 -18.98
N ASP A 92 25.45 40.05 -18.22
CA ASP A 92 25.11 39.49 -16.91
C ASP A 92 25.39 40.52 -15.81
N LEU A 93 26.60 41.08 -15.87
CA LEU A 93 26.99 42.19 -15.02
C LEU A 93 25.91 43.23 -15.13
N ALA A 94 25.40 43.36 -16.34
CA ALA A 94 24.21 44.15 -16.62
C ALA A 94 23.09 44.15 -15.57
N ILE A 95 22.53 42.97 -15.30
CA ILE A 95 21.55 42.81 -14.21
C ILE A 95 22.20 42.97 -12.84
N GLU A 96 23.33 42.30 -12.65
CA GLU A 96 23.97 42.27 -11.33
C GLU A 96 24.08 43.63 -10.65
N TYR A 97 24.66 44.60 -11.37
CA TYR A 97 24.80 45.98 -10.88
C TYR A 97 23.42 46.58 -10.61
N ASP A 98 22.56 46.55 -11.62
CA ASP A 98 21.18 47.00 -11.44
C ASP A 98 20.68 46.61 -10.05
N VAL A 99 20.62 45.31 -9.81
CA VAL A 99 20.19 44.75 -8.52
C VAL A 99 20.82 45.44 -7.31
N LEU A 100 22.14 45.60 -7.35
CA LEU A 100 22.88 46.35 -6.33
C LEU A 100 22.33 47.78 -6.26
N ASN A 101 22.31 48.45 -7.42
CA ASN A 101 21.75 49.80 -7.52
C ASN A 101 20.34 49.87 -6.91
N ARG A 102 19.55 48.83 -7.13
CA ARG A 102 18.19 48.78 -6.55
C ARG A 102 18.17 48.41 -5.06
N LEU A 103 19.19 47.70 -4.57
CA LEU A 103 19.04 47.13 -3.24
C LEU A 103 19.66 47.88 -2.07
N LYS A 104 20.57 48.81 -2.37
CA LYS A 104 21.22 49.63 -1.35
C LYS A 104 20.25 50.49 -0.50
N PRO A 105 19.48 51.37 -1.17
CA PRO A 105 18.56 52.26 -0.46
C PRO A 105 17.34 51.50 0.02
N GLY A 106 17.04 50.39 -0.64
CA GLY A 106 15.93 49.57 -0.25
C GLY A 106 16.20 48.86 1.06
N ILE A 107 17.47 48.57 1.30
CA ILE A 107 17.81 47.95 2.56
C ILE A 107 17.51 48.95 3.69
N VAL A 108 17.95 50.20 3.53
CA VAL A 108 17.67 51.23 4.54
C VAL A 108 16.21 51.60 4.63
N MET A 109 15.54 51.69 3.48
CA MET A 109 14.10 51.76 3.45
C MET A 109 13.49 50.74 4.42
N CYS A 110 14.00 49.50 4.37
CA CYS A 110 13.49 48.44 5.25
C CYS A 110 13.69 48.75 6.73
N ARG A 111 14.90 49.15 7.08
CA ARG A 111 15.21 49.51 8.46
C ARG A 111 14.33 50.66 8.96
N GLU A 112 14.11 51.66 8.12
CA GLU A 112 13.14 52.72 8.43
C GLU A 112 11.78 52.11 8.71
N LYS A 113 11.28 51.34 7.75
CA LYS A 113 10.04 50.60 7.91
C LYS A 113 10.06 49.62 9.09
N GLN A 114 11.25 49.32 9.61
CA GLN A 114 11.39 48.44 10.77
C GLN A 114 11.15 46.95 10.50
N ASP A 115 11.42 46.51 9.28
CA ASP A 115 11.39 45.09 8.98
C ASP A 115 12.81 44.57 8.86
N THR A 116 13.31 44.07 9.98
CA THR A 116 14.69 43.62 10.08
C THR A 116 14.88 42.33 9.27
N THR A 117 13.84 41.52 9.18
CA THR A 117 13.97 40.22 8.54
C THR A 117 14.18 40.34 7.03
N SER A 118 13.33 41.15 6.40
CA SER A 118 13.43 41.41 4.97
C SER A 118 14.66 42.23 4.59
N ALA A 119 15.19 43.00 5.54
CA ALA A 119 16.42 43.74 5.33
C ALA A 119 17.58 42.76 5.19
N VAL A 120 17.64 41.82 6.13
CA VAL A 120 18.66 40.80 6.09
C VAL A 120 18.54 39.87 4.88
N LEU A 121 17.32 39.51 4.50
CA LEU A 121 17.13 38.80 3.24
C LEU A 121 17.88 39.48 2.09
N LEU A 122 17.80 40.80 2.06
CA LEU A 122 18.35 41.57 0.95
C LEU A 122 19.85 41.90 1.11
N GLU A 123 20.32 41.92 2.36
CA GLU A 123 21.73 42.20 2.61
C GLU A 123 22.54 41.03 2.07
N LYS A 124 21.94 39.85 2.20
CA LYS A 124 22.54 38.60 1.78
C LYS A 124 22.61 38.51 0.28
N ILE A 125 21.50 38.85 -0.38
CA ILE A 125 21.47 38.86 -1.83
C ILE A 125 22.55 39.78 -2.36
N VAL A 126 22.69 40.94 -1.73
CA VAL A 126 23.73 41.90 -2.08
C VAL A 126 25.11 41.26 -2.07
N ALA A 127 25.50 40.68 -0.94
CA ALA A 127 26.81 40.05 -0.84
C ALA A 127 26.97 38.92 -1.86
N ASP A 128 25.94 38.08 -1.97
CA ASP A 128 25.94 37.05 -2.98
C ASP A 128 26.29 37.68 -4.32
N GLU A 129 25.46 38.64 -4.74
CA GLU A 129 25.57 39.25 -6.06
C GLU A 129 26.91 39.95 -6.28
N GLU A 130 27.43 40.59 -5.24
CA GLU A 130 28.73 41.25 -5.32
C GLU A 130 29.79 40.23 -5.74
N GLU A 131 29.69 39.01 -5.23
CA GLU A 131 30.60 37.95 -5.65
C GLU A 131 30.37 37.59 -7.10
N HIS A 132 29.13 37.31 -7.46
CA HIS A 132 28.84 37.11 -8.88
C HIS A 132 29.52 38.20 -9.72
N ILE A 133 29.32 39.46 -9.32
CA ILE A 133 29.95 40.60 -9.97
C ILE A 133 31.49 40.52 -10.01
N ASP A 134 32.12 40.44 -8.84
CA ASP A 134 33.59 40.42 -8.79
C ASP A 134 34.10 39.34 -9.72
N TYR A 135 33.37 38.23 -9.78
CA TYR A 135 33.68 37.10 -10.65
C TYR A 135 33.55 37.51 -12.10
N LEU A 136 32.31 37.77 -12.51
CA LEU A 136 32.05 38.19 -13.88
C LEU A 136 33.09 39.18 -14.35
N GLU A 137 33.29 40.23 -13.56
CA GLU A 137 34.17 41.29 -14.01
C GLU A 137 35.62 40.84 -13.99
N THR A 138 35.93 39.85 -13.17
CA THR A 138 37.27 39.23 -13.20
C THR A 138 37.49 38.46 -14.49
N GLN A 139 36.50 37.66 -14.85
CA GLN A 139 36.56 36.96 -16.14
C GLN A 139 36.99 37.95 -17.21
N LEU A 140 36.45 39.16 -17.14
CA LEU A 140 36.85 40.21 -18.06
C LEU A 140 38.31 40.58 -17.83
N GLU A 141 38.62 41.10 -16.64
CA GLU A 141 40.00 41.43 -16.31
C GLU A 141 40.95 40.40 -16.92
N LEU A 142 40.56 39.12 -16.84
CA LEU A 142 41.40 38.02 -17.30
C LEU A 142 41.32 37.80 -18.80
N MET A 143 40.19 38.13 -19.39
CA MET A 143 39.96 37.90 -20.83
C MET A 143 40.95 38.75 -21.66
N ASP A 144 41.24 39.95 -21.15
CA ASP A 144 42.14 40.91 -21.80
C ASP A 144 43.59 40.56 -21.50
N LYS A 145 43.82 40.04 -20.31
CA LYS A 145 45.15 39.64 -19.89
C LYS A 145 45.59 38.41 -20.68
N LEU A 146 44.63 37.59 -21.07
CA LEU A 146 44.92 36.32 -21.70
C LEU A 146 44.63 36.35 -23.20
N GLY A 147 43.53 37.00 -23.57
CA GLY A 147 43.14 37.10 -24.97
C GLY A 147 42.03 36.18 -25.42
N GLU A 148 40.79 36.65 -25.26
CA GLU A 148 39.63 35.87 -25.65
C GLU A 148 40.06 34.46 -26.03
N GLU A 149 40.46 34.28 -27.28
CA GLU A 149 40.95 32.99 -27.77
C GLU A 149 41.51 32.11 -26.65
N LEU A 150 42.73 32.41 -26.21
CA LEU A 150 43.40 31.58 -25.22
C LEU A 150 42.43 31.27 -24.10
N TYR A 151 42.04 32.32 -23.40
CA TYR A 151 41.03 32.20 -22.35
C TYR A 151 39.95 31.16 -22.66
N SER A 152 39.38 31.21 -23.86
CA SER A 152 38.19 30.39 -24.14
C SER A 152 38.41 28.88 -24.02
N ALA A 153 39.61 28.44 -24.35
CA ALA A 153 39.94 27.02 -24.22
C ALA A 153 40.03 26.64 -22.74
N GLN A 154 40.16 27.64 -21.88
CA GLN A 154 40.07 27.39 -20.44
C GLN A 154 38.62 27.08 -20.04
N CYS A 155 37.73 26.94 -21.01
CA CYS A 155 36.34 26.61 -20.71
C CYS A 155 35.86 25.38 -21.43
N VAL A 156 36.76 24.59 -21.98
CA VAL A 156 36.34 23.34 -22.60
C VAL A 156 36.95 22.12 -21.91
N SER A 157 36.37 20.97 -22.19
CA SER A 157 36.91 19.70 -21.71
C SER A 157 37.94 19.16 -22.71
N ARG A 158 38.69 18.14 -22.30
CA ARG A 158 39.73 17.52 -23.13
C ARG A 158 39.37 16.10 -23.52
N PRO A 159 38.89 15.92 -24.76
CA PRO A 159 38.65 16.99 -25.73
C PRO A 159 37.32 17.70 -25.47
N PRO A 160 37.00 18.75 -26.25
CA PRO A 160 35.79 19.56 -26.04
C PRO A 160 34.48 18.78 -26.10
N THR A 161 33.55 19.15 -25.23
CA THR A 161 32.24 18.52 -25.11
C THR A 161 32.35 17.02 -24.87
N MET B 3 24.15 22.64 -39.58
CA MET B 3 22.79 22.18 -39.49
C MET B 3 21.84 23.35 -39.28
N GLN B 4 20.58 23.19 -39.70
CA GLN B 4 19.56 24.22 -39.49
C GLN B 4 18.14 23.68 -39.67
N GLY B 5 17.36 23.72 -38.59
CA GLY B 5 16.00 23.19 -38.62
C GLY B 5 15.06 23.95 -39.54
N ASP B 6 13.81 23.49 -39.56
CA ASP B 6 12.75 24.08 -40.36
C ASP B 6 12.03 25.18 -39.57
N PRO B 7 12.16 26.46 -40.02
CA PRO B 7 11.69 27.64 -39.27
C PRO B 7 10.28 27.67 -38.67
N ASP B 8 9.40 26.84 -39.22
CA ASP B 8 8.06 26.69 -38.69
C ASP B 8 8.10 25.74 -37.50
N VAL B 9 8.75 24.60 -37.67
CA VAL B 9 8.95 23.65 -36.59
C VAL B 9 9.53 24.40 -35.40
N LEU B 10 10.67 25.06 -35.63
CA LEU B 10 11.26 25.94 -34.64
C LEU B 10 10.22 26.89 -34.06
N ARG B 11 9.50 27.58 -34.94
CA ARG B 11 8.30 28.31 -34.54
C ARG B 11 7.49 27.51 -33.50
N LEU B 12 7.15 26.26 -33.82
CA LEU B 12 6.38 25.44 -32.89
C LEU B 12 7.12 25.17 -31.58
N LEU B 13 8.43 24.94 -31.66
CA LEU B 13 9.23 24.59 -30.49
C LEU B 13 9.37 25.76 -29.55
N ASN B 14 9.92 26.87 -30.04
CA ASN B 14 9.95 28.09 -29.26
C ASN B 14 8.57 28.50 -28.75
N GLU B 15 7.51 27.93 -29.32
CA GLU B 15 6.17 28.22 -28.86
C GLU B 15 5.84 27.37 -27.63
N GLN B 16 6.24 26.11 -27.65
CA GLN B 16 6.02 25.23 -26.51
C GLN B 16 6.81 25.73 -25.28
N LEU B 17 8.08 26.09 -25.52
CA LEU B 17 8.98 26.66 -24.51
C LEU B 17 8.38 27.83 -23.73
N THR B 18 7.40 28.48 -24.32
CA THR B 18 6.67 29.53 -23.62
C THR B 18 5.62 28.87 -22.74
N SER B 19 4.75 28.07 -23.35
CA SER B 19 3.72 27.33 -22.61
C SER B 19 4.31 26.78 -21.32
N GLU B 20 5.60 26.45 -21.41
CA GLU B 20 6.37 25.74 -20.38
C GLU B 20 6.79 26.63 -19.21
N LEU B 21 7.54 27.67 -19.51
CA LEU B 21 7.88 28.65 -18.50
C LEU B 21 6.61 29.16 -17.80
N THR B 22 5.53 29.28 -18.56
CA THR B 22 4.25 29.69 -17.98
C THR B 22 3.93 28.77 -16.81
N ALA B 23 3.89 27.47 -17.12
CA ALA B 23 3.54 26.41 -16.20
C ALA B 23 4.53 26.28 -15.03
N ILE B 24 5.83 26.31 -15.31
CA ILE B 24 6.78 26.31 -14.23
C ILE B 24 6.39 27.38 -13.21
N ASN B 25 6.36 28.63 -13.67
CA ASN B 25 6.02 29.72 -12.80
C ASN B 25 4.66 29.52 -12.13
N GLN B 26 3.68 29.11 -12.92
CA GLN B 26 2.35 28.94 -12.39
C GLN B 26 2.31 27.85 -11.32
N TYR B 27 2.90 26.71 -11.66
CA TYR B 27 2.85 25.52 -10.81
C TYR B 27 3.61 25.74 -9.50
N PHE B 28 4.80 26.29 -9.63
CA PHE B 28 5.65 26.60 -8.49
C PHE B 28 4.85 27.46 -7.53
N LEU B 29 4.25 28.52 -8.05
CA LEU B 29 3.58 29.49 -7.21
C LEU B 29 2.39 28.90 -6.48
N HIS B 30 1.60 28.10 -7.18
CA HIS B 30 0.56 27.32 -6.51
C HIS B 30 0.99 26.45 -5.33
N SER B 31 2.16 25.82 -5.48
CA SER B 31 2.72 24.99 -4.42
C SER B 31 3.06 25.85 -3.21
N LYS B 32 4.00 26.76 -3.40
CA LYS B 32 4.36 27.71 -2.34
C LYS B 32 3.08 28.33 -1.80
N MET B 33 2.03 28.31 -2.61
CA MET B 33 0.73 28.82 -2.21
C MET B 33 0.03 27.83 -1.29
N GLN B 34 0.09 26.55 -1.65
CA GLN B 34 -0.50 25.49 -0.82
C GLN B 34 0.39 25.23 0.39
N ASP B 35 1.68 25.44 0.21
CA ASP B 35 2.63 25.43 1.30
C ASP B 35 2.15 26.40 2.37
N ASN B 36 1.82 27.63 1.98
CA ASN B 36 1.27 28.62 2.92
C ASN B 36 0.01 28.18 3.67
N TRP B 37 -1.01 27.72 2.96
CA TRP B 37 -2.28 27.37 3.59
C TRP B 37 -2.16 26.15 4.49
N GLY B 38 -0.98 25.54 4.49
CA GLY B 38 -0.70 24.42 5.38
C GLY B 38 -0.81 23.12 4.64
N PHE B 39 -1.14 23.23 3.36
CA PHE B 39 -1.37 22.08 2.49
C PHE B 39 -0.04 21.46 1.99
N THR B 40 0.69 20.94 2.95
CA THR B 40 2.11 20.68 2.78
C THR B 40 2.37 19.43 1.97
N GLU B 41 1.74 18.33 2.34
CA GLU B 41 1.92 17.12 1.57
C GLU B 41 1.62 17.43 0.10
N LEU B 42 0.48 18.09 -0.14
CA LEU B 42 0.09 18.42 -1.50
C LEU B 42 1.11 19.32 -2.21
N ALA B 43 1.63 20.33 -1.53
CA ALA B 43 2.57 21.27 -2.16
C ALA B 43 3.81 20.57 -2.71
N ALA B 44 4.27 19.55 -2.02
CA ALA B 44 5.40 18.77 -2.49
C ALA B 44 5.08 18.16 -3.87
N HIS B 45 3.89 17.56 -3.99
CA HIS B 45 3.40 17.02 -5.26
C HIS B 45 3.38 18.13 -6.34
N THR B 46 2.64 19.21 -6.09
CA THR B 46 2.56 20.31 -7.04
C THR B 46 3.96 20.77 -7.34
N ARG B 47 4.79 20.82 -6.30
CA ARG B 47 6.14 21.31 -6.46
C ARG B 47 6.86 20.47 -7.49
N ALA B 48 6.68 19.15 -7.37
CA ALA B 48 7.33 18.21 -8.24
C ALA B 48 6.91 18.45 -9.67
N GLU B 49 5.62 18.70 -9.87
CA GLU B 49 5.12 18.94 -11.23
C GLU B 49 5.88 20.08 -11.89
N SER B 50 6.16 21.11 -11.12
CA SER B 50 6.90 22.25 -11.63
C SER B 50 8.28 21.83 -12.13
N PHE B 51 8.98 21.03 -11.33
CA PHE B 51 10.33 20.61 -11.68
C PHE B 51 10.37 19.77 -12.96
N ASP B 52 9.28 19.07 -13.25
CA ASP B 52 9.13 18.38 -14.52
C ASP B 52 9.03 19.37 -15.67
N GLU B 53 8.22 20.40 -15.47
CA GLU B 53 8.02 21.41 -16.48
C GLU B 53 9.31 22.19 -16.76
N MET B 54 10.13 22.33 -15.73
CA MET B 54 11.47 22.82 -15.91
C MET B 54 12.24 21.85 -16.79
N ARG B 55 12.17 20.58 -16.46
N ARG B 55 12.18 20.57 -16.46
CA ARG B 55 12.87 19.54 -17.20
CA ARG B 55 12.92 19.57 -17.23
C ARG B 55 12.49 19.63 -18.68
C ARG B 55 12.50 19.60 -18.69
N HIS B 56 11.19 19.70 -18.94
CA HIS B 56 10.66 19.86 -20.31
C HIS B 56 11.30 21.04 -21.02
N ALA B 57 11.32 22.18 -20.32
CA ALA B 57 11.77 23.44 -20.87
C ALA B 57 13.20 23.36 -21.42
N GLU B 58 14.13 22.89 -20.61
CA GLU B 58 15.51 22.69 -21.05
C GLU B 58 15.51 21.68 -22.20
N GLU B 59 14.61 20.70 -22.13
CA GLU B 59 14.51 19.66 -23.16
C GLU B 59 14.20 20.26 -24.52
N ILE B 60 13.20 21.14 -24.56
CA ILE B 60 12.89 21.87 -25.77
C ILE B 60 14.05 22.80 -26.14
N THR B 61 14.58 23.50 -25.15
CA THR B 61 15.70 24.41 -25.35
C THR B 61 16.89 23.73 -26.07
N ASP B 62 17.13 22.47 -25.70
CA ASP B 62 18.22 21.70 -26.27
C ASP B 62 18.02 21.44 -27.74
N ARG B 63 16.82 20.96 -28.06
CA ARG B 63 16.42 20.67 -29.42
C ARG B 63 16.53 21.94 -30.28
N ILE B 64 16.13 23.07 -29.71
CA ILE B 64 16.21 24.32 -30.43
C ILE B 64 17.63 24.58 -30.89
N LEU B 65 18.57 24.70 -29.96
CA LEU B 65 19.97 25.01 -30.25
C LEU B 65 20.62 24.04 -31.25
N LEU B 66 20.18 22.77 -31.22
CA LEU B 66 20.71 21.75 -32.12
C LEU B 66 20.29 22.05 -33.55
N LEU B 67 19.04 22.46 -33.69
CA LEU B 67 18.53 22.98 -34.95
C LEU B 67 19.21 24.33 -35.33
N ASP B 68 19.08 25.34 -34.49
CA ASP B 68 19.93 26.52 -34.58
C ASP B 68 19.22 27.68 -33.91
N GLY B 69 17.90 27.58 -33.85
CA GLY B 69 17.04 28.63 -33.35
C GLY B 69 17.33 29.25 -32.00
N LEU B 70 16.82 30.46 -31.83
CA LEU B 70 17.11 31.24 -30.65
C LEU B 70 15.95 31.07 -29.70
N PRO B 71 16.14 30.30 -28.62
CA PRO B 71 15.05 29.97 -27.70
C PRO B 71 14.55 31.18 -26.92
N ASN B 72 13.23 31.30 -26.82
CA ASN B 72 12.62 32.46 -26.20
C ASN B 72 12.49 32.35 -24.67
N TYR B 73 13.49 32.86 -23.96
CA TYR B 73 13.42 32.94 -22.51
C TYR B 73 12.99 34.34 -22.12
N GLN B 74 12.17 34.98 -22.96
CA GLN B 74 11.80 36.38 -22.74
C GLN B 74 10.31 36.65 -22.61
N ARG B 75 9.49 35.77 -23.20
CA ARG B 75 8.03 35.91 -23.12
C ARG B 75 7.39 35.01 -22.04
N ILE B 76 6.28 35.41 -21.46
CA ILE B 76 5.54 34.50 -20.59
C ILE B 76 4.05 34.62 -20.75
N GLY B 77 3.37 33.47 -20.84
CA GLY B 77 1.94 33.45 -21.05
C GLY B 77 1.20 34.04 -19.86
N SER B 78 -0.11 34.09 -19.95
CA SER B 78 -0.88 34.66 -18.84
C SER B 78 -1.22 33.60 -17.80
N LEU B 79 -0.75 33.86 -16.58
CA LEU B 79 -0.94 32.98 -15.43
C LEU B 79 -2.35 33.10 -14.83
N ARG B 80 -2.91 31.96 -14.46
CA ARG B 80 -4.17 31.91 -13.72
C ARG B 80 -3.85 31.29 -12.37
N ILE B 81 -4.11 32.04 -11.30
CA ILE B 81 -3.84 31.55 -9.94
C ILE B 81 -5.12 31.48 -9.12
N GLY B 82 -5.43 30.28 -8.63
CA GLY B 82 -6.62 30.08 -7.82
C GLY B 82 -6.35 30.25 -6.34
N GLN B 83 -7.19 31.03 -5.67
CA GLN B 83 -7.03 31.27 -4.25
C GLN B 83 -7.23 29.99 -3.43
N THR B 84 -8.14 29.14 -3.91
CA THR B 84 -8.43 27.88 -3.22
C THR B 84 -7.75 26.72 -3.93
N LEU B 85 -7.80 25.54 -3.31
CA LEU B 85 -7.20 24.36 -3.88
C LEU B 85 -7.93 24.03 -5.15
N ARG B 86 -9.24 23.84 -5.02
CA ARG B 86 -10.08 23.51 -6.18
C ARG B 86 -9.89 24.49 -7.32
N GLU B 87 -9.81 25.78 -7.02
CA GLU B 87 -9.64 26.76 -8.06
C GLU B 87 -8.26 26.57 -8.65
N GLN B 88 -7.31 26.25 -7.77
CA GLN B 88 -5.92 26.05 -8.18
C GLN B 88 -5.80 24.89 -9.16
N PHE B 89 -6.57 23.84 -8.90
CA PHE B 89 -6.61 22.70 -9.80
C PHE B 89 -7.08 23.10 -11.21
N GLU B 90 -8.16 23.87 -11.30
CA GLU B 90 -8.74 24.33 -12.56
C GLU B 90 -7.70 25.01 -13.45
N ALA B 91 -6.91 25.85 -12.81
CA ALA B 91 -6.07 26.77 -13.54
C ALA B 91 -4.91 26.03 -14.17
N ASP B 92 -4.57 24.88 -13.61
CA ASP B 92 -3.45 24.12 -14.14
C ASP B 92 -3.95 23.14 -15.20
N LEU B 93 -5.18 22.68 -15.04
CA LEU B 93 -5.82 21.94 -16.12
C LEU B 93 -5.86 22.89 -17.27
N ALA B 94 -6.39 24.07 -16.99
CA ALA B 94 -6.38 25.16 -17.95
C ALA B 94 -5.19 25.18 -18.89
N ILE B 95 -3.97 25.12 -18.33
CA ILE B 95 -2.73 25.15 -19.11
C ILE B 95 -2.43 23.89 -19.91
N GLU B 96 -2.69 22.74 -19.31
CA GLU B 96 -2.28 21.48 -19.91
C GLU B 96 -3.12 21.17 -21.15
N TYR B 97 -4.42 21.30 -21.00
CA TYR B 97 -5.37 21.09 -22.09
C TYR B 97 -5.03 21.96 -23.29
N ASP B 98 -4.43 23.10 -22.99
CA ASP B 98 -3.99 23.99 -24.03
C ASP B 98 -2.79 23.34 -24.71
N VAL B 99 -1.86 22.84 -23.90
CA VAL B 99 -0.68 22.19 -24.44
C VAL B 99 -1.08 21.04 -25.36
N LEU B 100 -2.07 20.25 -24.96
CA LEU B 100 -2.58 19.17 -25.79
C LEU B 100 -3.07 19.71 -27.15
N ASN B 101 -3.79 20.83 -27.12
CA ASN B 101 -4.28 21.46 -28.34
C ASN B 101 -3.15 21.96 -29.22
N ARG B 102 -2.27 22.77 -28.66
CA ARG B 102 -1.09 23.22 -29.39
C ARG B 102 -0.34 22.06 -30.01
N LEU B 103 -0.16 20.97 -29.25
CA LEU B 103 0.83 19.94 -29.59
C LEU B 103 0.37 18.83 -30.51
N LYS B 104 -0.90 18.46 -30.43
CA LYS B 104 -1.44 17.48 -31.33
C LYS B 104 -1.19 17.86 -32.80
N PRO B 105 -1.86 18.90 -33.29
CA PRO B 105 -1.61 19.31 -34.67
C PRO B 105 -0.13 19.50 -34.91
N GLY B 106 0.55 20.08 -33.92
CA GLY B 106 1.99 20.29 -34.00
C GLY B 106 2.81 19.05 -34.27
N ILE B 107 2.48 17.97 -33.55
CA ILE B 107 3.12 16.67 -33.75
C ILE B 107 2.95 16.21 -35.19
N VAL B 108 1.72 16.25 -35.70
CA VAL B 108 1.47 15.79 -37.06
C VAL B 108 2.31 16.57 -38.08
N MET B 109 2.35 17.88 -37.94
CA MET B 109 3.14 18.71 -38.84
C MET B 109 4.63 18.35 -38.81
N CYS B 110 5.16 18.09 -37.62
CA CYS B 110 6.58 17.78 -37.50
C CYS B 110 6.98 16.58 -38.32
N ARG B 111 6.22 15.50 -38.24
CA ARG B 111 6.53 14.31 -39.00
C ARG B 111 6.39 14.63 -40.47
N GLU B 112 5.35 15.40 -40.77
CA GLU B 112 5.07 15.87 -42.12
C GLU B 112 6.28 16.57 -42.73
N LYS B 113 6.75 17.62 -42.06
CA LYS B 113 7.97 18.34 -42.46
C LYS B 113 9.26 17.50 -42.30
N GLN B 114 9.14 16.29 -41.74
CA GLN B 114 10.28 15.36 -41.63
C GLN B 114 11.36 15.75 -40.62
N ASP B 115 10.93 16.37 -39.53
CA ASP B 115 11.74 16.48 -38.33
C ASP B 115 11.16 15.51 -37.30
N THR B 116 11.32 14.22 -37.58
CA THR B 116 10.78 13.16 -36.75
C THR B 116 11.23 13.27 -35.29
N THR B 117 12.47 13.68 -35.09
CA THR B 117 13.01 13.72 -33.74
C THR B 117 12.21 14.71 -32.89
N SER B 118 12.02 15.93 -33.41
CA SER B 118 11.21 16.91 -32.69
C SER B 118 9.76 16.44 -32.53
N ALA B 119 9.35 15.51 -33.38
CA ALA B 119 8.03 14.92 -33.25
C ALA B 119 8.01 14.02 -32.01
N VAL B 120 8.91 13.03 -31.99
CA VAL B 120 9.01 12.14 -30.86
C VAL B 120 9.02 12.98 -29.59
N LEU B 121 9.87 13.99 -29.53
CA LEU B 121 9.92 14.87 -28.35
C LEU B 121 8.53 15.25 -27.88
N LEU B 122 7.77 15.94 -28.74
CA LEU B 122 6.47 16.47 -28.33
C LEU B 122 5.54 15.34 -27.92
N GLU B 123 5.68 14.19 -28.56
CA GLU B 123 4.87 13.02 -28.28
C GLU B 123 5.02 12.66 -26.83
N LYS B 124 6.27 12.51 -26.40
CA LYS B 124 6.57 12.27 -24.98
C LYS B 124 5.85 13.28 -24.09
N ILE B 125 6.15 14.55 -24.32
CA ILE B 125 5.47 15.63 -23.62
C ILE B 125 3.98 15.35 -23.47
N VAL B 126 3.33 15.00 -24.58
CA VAL B 126 1.90 14.72 -24.59
C VAL B 126 1.56 13.70 -23.52
N ALA B 127 2.22 12.54 -23.56
CA ALA B 127 2.00 11.48 -22.58
C ALA B 127 2.05 11.99 -21.14
N ASP B 128 3.06 12.79 -20.80
CA ASP B 128 3.22 13.37 -19.46
C ASP B 128 2.05 14.32 -19.26
N GLU B 129 1.86 15.20 -20.23
CA GLU B 129 0.80 16.20 -20.14
C GLU B 129 -0.58 15.57 -19.93
N GLU B 130 -0.89 14.50 -20.67
CA GLU B 130 -2.13 13.78 -20.42
C GLU B 130 -2.19 13.30 -18.98
N GLU B 131 -1.04 12.83 -18.48
CA GLU B 131 -1.01 12.10 -17.22
C GLU B 131 -1.20 13.04 -16.07
N HIS B 132 -0.71 14.25 -16.25
CA HIS B 132 -0.88 15.35 -15.31
C HIS B 132 -2.37 15.75 -15.24
N ILE B 133 -3.03 15.72 -16.40
CA ILE B 133 -4.46 15.98 -16.56
C ILE B 133 -5.34 14.95 -15.86
N ASP B 134 -5.10 13.67 -16.19
CA ASP B 134 -5.77 12.57 -15.53
C ASP B 134 -5.78 12.79 -14.01
N TYR B 135 -4.60 13.10 -13.48
CA TYR B 135 -4.40 13.36 -12.05
C TYR B 135 -5.25 14.51 -11.51
N LEU B 136 -5.25 15.62 -12.25
CA LEU B 136 -5.85 16.88 -11.83
C LEU B 136 -7.37 16.80 -11.87
N GLU B 137 -7.89 16.13 -12.88
CA GLU B 137 -9.33 15.90 -12.99
C GLU B 137 -9.75 14.97 -11.87
N THR B 138 -8.87 14.03 -11.52
CA THR B 138 -9.15 13.05 -10.49
C THR B 138 -9.12 13.69 -9.10
N GLN B 139 -8.32 14.73 -8.94
CA GLN B 139 -8.37 15.49 -7.70
C GLN B 139 -9.75 16.14 -7.59
N LEU B 140 -10.19 16.75 -8.69
CA LEU B 140 -11.51 17.40 -8.77
C LEU B 140 -12.69 16.50 -8.40
N GLU B 141 -12.60 15.22 -8.69
CA GLU B 141 -13.64 14.28 -8.29
C GLU B 141 -13.51 13.90 -6.81
N LEU B 142 -12.29 13.73 -6.33
CA LEU B 142 -12.12 13.31 -4.95
C LEU B 142 -12.59 14.42 -4.04
N MET B 143 -12.46 15.65 -4.51
CA MET B 143 -13.04 16.81 -3.84
C MET B 143 -14.57 16.66 -3.76
N ASP B 144 -15.18 16.22 -4.87
CA ASP B 144 -16.63 15.97 -4.97
C ASP B 144 -17.04 14.79 -4.12
N LYS B 145 -16.46 13.63 -4.41
CA LYS B 145 -16.77 12.39 -3.71
C LYS B 145 -16.55 12.51 -2.21
N LEU B 146 -15.34 12.95 -1.85
CA LEU B 146 -14.93 13.04 -0.46
C LEU B 146 -15.51 14.25 0.28
N GLY B 147 -15.66 15.37 -0.44
CA GLY B 147 -15.95 16.64 0.19
C GLY B 147 -14.73 17.55 0.27
N GLU B 148 -14.89 18.79 -0.18
CA GLU B 148 -13.81 19.76 -0.27
C GLU B 148 -13.01 19.89 1.03
N GLU B 149 -13.69 19.81 2.17
CA GLU B 149 -13.02 19.84 3.47
C GLU B 149 -12.26 18.55 3.69
N LEU B 150 -12.98 17.44 3.62
CA LEU B 150 -12.39 16.13 3.86
C LEU B 150 -11.24 15.86 2.91
N TYR B 151 -11.42 16.27 1.66
CA TYR B 151 -10.36 16.16 0.67
C TYR B 151 -9.19 17.02 1.07
N SER B 152 -9.49 18.11 1.78
CA SER B 152 -8.46 19.08 2.14
C SER B 152 -7.65 18.59 3.32
N ALA B 153 -8.32 17.89 4.22
CA ALA B 153 -7.65 17.24 5.35
C ALA B 153 -6.58 16.22 4.89
N GLN B 154 -6.54 15.91 3.60
CA GLN B 154 -5.65 14.89 3.09
C GLN B 154 -4.42 15.49 2.42
N CYS B 155 -4.30 16.81 2.48
CA CYS B 155 -3.15 17.51 1.90
C CYS B 155 -2.34 18.20 2.99
N VAL B 156 -2.73 17.95 4.25
CA VAL B 156 -1.96 18.43 5.39
C VAL B 156 -1.27 17.24 6.04
N SER B 157 -0.16 17.52 6.72
CA SER B 157 0.61 16.50 7.44
C SER B 157 0.04 16.30 8.83
N ARG B 158 0.81 15.63 9.69
CA ARG B 158 0.46 15.51 11.11
C ARG B 158 1.63 15.81 12.06
N PRO B 159 1.44 16.84 12.88
CA PRO B 159 0.32 17.76 12.71
C PRO B 159 0.56 18.63 11.46
N PRO B 160 -0.34 19.56 11.13
CA PRO B 160 -0.23 20.41 9.91
C PRO B 160 0.91 21.46 9.87
N THR B 161 1.51 21.60 8.69
CA THR B 161 2.68 22.47 8.46
C THR B 161 3.53 22.64 9.72
N MET C 3 -2.85 -42.34 -14.81
CA MET C 3 -3.84 -42.15 -13.77
C MET C 3 -4.93 -41.16 -14.20
N GLN C 4 -6.19 -41.56 -14.05
CA GLN C 4 -7.32 -40.78 -14.56
C GLN C 4 -8.25 -40.29 -13.45
N GLY C 5 -8.95 -39.20 -13.71
CA GLY C 5 -9.76 -38.56 -12.69
C GLY C 5 -11.27 -38.74 -12.77
N ASP C 6 -11.91 -38.68 -11.60
CA ASP C 6 -13.36 -38.81 -11.43
C ASP C 6 -14.16 -37.63 -12.01
N PRO C 7 -14.86 -37.86 -13.13
CA PRO C 7 -15.44 -36.74 -13.91
C PRO C 7 -16.48 -35.95 -13.12
N ASP C 8 -16.92 -36.50 -12.00
CA ASP C 8 -17.79 -35.78 -11.09
C ASP C 8 -16.99 -34.62 -10.50
N VAL C 9 -15.81 -34.95 -9.98
CA VAL C 9 -14.88 -33.95 -9.50
C VAL C 9 -14.35 -33.14 -10.67
N LEU C 10 -13.71 -33.80 -11.62
CA LEU C 10 -13.21 -33.09 -12.78
C LEU C 10 -14.23 -32.10 -13.34
N ARG C 11 -15.51 -32.29 -13.01
CA ARG C 11 -16.57 -31.36 -13.39
C ARG C 11 -16.58 -30.19 -12.42
N LEU C 12 -16.38 -30.51 -11.15
CA LEU C 12 -16.38 -29.52 -10.10
C LEU C 12 -15.15 -28.65 -10.30
N LEU C 13 -13.97 -29.26 -10.12
CA LEU C 13 -12.69 -28.59 -10.29
C LEU C 13 -12.69 -27.60 -11.44
N ASN C 14 -12.99 -28.09 -12.62
CA ASN C 14 -12.98 -27.27 -13.80
C ASN C 14 -13.97 -26.13 -13.66
N GLU C 15 -15.01 -26.35 -12.87
CA GLU C 15 -16.08 -25.36 -12.73
C GLU C 15 -15.69 -24.32 -11.70
N GLN C 16 -14.91 -24.75 -10.71
CA GLN C 16 -14.38 -23.80 -9.74
C GLN C 16 -13.41 -22.87 -10.45
N LEU C 17 -12.71 -23.42 -11.43
CA LEU C 17 -11.79 -22.66 -12.27
C LEU C 17 -12.50 -21.44 -12.85
N THR C 18 -13.82 -21.52 -12.91
CA THR C 18 -14.57 -20.57 -13.70
C THR C 18 -14.90 -19.32 -12.89
N SER C 19 -15.41 -19.51 -11.68
CA SER C 19 -15.66 -18.35 -10.85
C SER C 19 -14.28 -17.82 -10.50
N GLU C 20 -13.31 -18.72 -10.60
CA GLU C 20 -11.92 -18.38 -10.36
C GLU C 20 -11.39 -17.38 -11.38
N LEU C 21 -11.58 -17.71 -12.65
CA LEU C 21 -11.04 -16.91 -13.73
C LEU C 21 -11.91 -15.70 -13.85
N THR C 22 -13.14 -15.84 -13.39
CA THR C 22 -14.08 -14.76 -13.46
C THR C 22 -13.77 -13.77 -12.35
N ALA C 23 -13.42 -14.30 -11.19
CA ALA C 23 -12.88 -13.49 -10.12
C ALA C 23 -11.69 -12.68 -10.63
N ILE C 24 -10.60 -13.35 -10.96
CA ILE C 24 -9.41 -12.65 -11.45
C ILE C 24 -9.82 -11.40 -12.18
N ASN C 25 -10.63 -11.60 -13.22
CA ASN C 25 -11.05 -10.53 -14.12
C ASN C 25 -11.82 -9.42 -13.41
N GLN C 26 -12.78 -9.79 -12.57
CA GLN C 26 -13.61 -8.79 -11.92
C GLN C 26 -12.74 -7.97 -10.97
N TYR C 27 -12.12 -8.67 -10.03
CA TYR C 27 -11.21 -8.03 -9.09
C TYR C 27 -10.14 -7.19 -9.77
N PHE C 28 -9.59 -7.70 -10.85
CA PHE C 28 -8.53 -6.92 -11.44
C PHE C 28 -9.07 -5.60 -11.91
N LEU C 29 -10.14 -5.61 -12.70
CA LEU C 29 -10.65 -4.37 -13.29
C LEU C 29 -11.04 -3.36 -12.21
N HIS C 30 -11.73 -3.85 -11.20
CA HIS C 30 -12.07 -3.03 -10.05
C HIS C 30 -10.88 -2.21 -9.50
N SER C 31 -9.79 -2.90 -9.18
CA SER C 31 -8.60 -2.26 -8.61
C SER C 31 -8.05 -1.22 -9.56
N LYS C 32 -8.22 -1.46 -10.86
CA LYS C 32 -7.78 -0.49 -11.84
C LYS C 32 -8.72 0.70 -11.86
N MET C 33 -10.01 0.44 -11.66
CA MET C 33 -11.02 1.50 -11.52
C MET C 33 -10.74 2.32 -10.25
N GLN C 34 -10.49 1.63 -9.16
CA GLN C 34 -10.15 2.25 -7.88
C GLN C 34 -8.89 3.08 -7.89
N ASP C 35 -7.78 2.51 -8.36
CA ASP C 35 -6.55 3.28 -8.52
C ASP C 35 -6.86 4.52 -9.37
N ASN C 36 -7.74 4.31 -10.34
CA ASN C 36 -8.04 5.30 -11.36
C ASN C 36 -8.87 6.48 -10.87
N TRP C 37 -9.75 6.17 -9.91
CA TRP C 37 -10.61 7.13 -9.22
C TRP C 37 -9.85 7.88 -8.15
N GLY C 38 -8.77 7.27 -7.66
CA GLY C 38 -7.93 7.92 -6.67
C GLY C 38 -7.97 7.21 -5.34
N PHE C 39 -8.50 6.00 -5.33
CA PHE C 39 -8.49 5.21 -4.11
C PHE C 39 -7.32 4.23 -4.12
N THR C 40 -6.15 4.81 -4.28
CA THR C 40 -4.91 4.08 -4.48
C THR C 40 -4.55 3.15 -3.31
N GLU C 41 -4.83 3.57 -2.10
CA GLU C 41 -4.55 2.70 -0.98
C GLU C 41 -5.45 1.47 -1.02
N LEU C 42 -6.75 1.72 -1.19
CA LEU C 42 -7.69 0.64 -1.38
C LEU C 42 -7.25 -0.21 -2.56
N ALA C 43 -6.96 0.43 -3.69
CA ALA C 43 -6.64 -0.25 -4.94
C ALA C 43 -5.62 -1.38 -4.79
N ALA C 44 -4.59 -1.11 -3.99
CA ALA C 44 -3.47 -2.00 -3.83
C ALA C 44 -3.91 -3.34 -3.29
N HIS C 45 -4.91 -3.31 -2.40
CA HIS C 45 -5.41 -4.50 -1.71
C HIS C 45 -6.28 -5.29 -2.67
N THR C 46 -7.23 -4.58 -3.26
CA THR C 46 -8.10 -5.16 -4.26
C THR C 46 -7.21 -5.95 -5.20
N ARG C 47 -6.27 -5.26 -5.82
CA ARG C 47 -5.32 -5.88 -6.74
C ARG C 47 -4.70 -7.16 -6.18
N ALA C 48 -4.09 -7.07 -5.00
CA ALA C 48 -3.52 -8.24 -4.37
C ALA C 48 -4.49 -9.46 -4.37
N GLU C 49 -5.79 -9.21 -4.19
CA GLU C 49 -6.81 -10.27 -4.23
C GLU C 49 -6.90 -10.85 -5.64
N SER C 50 -6.74 -9.98 -6.61
CA SER C 50 -6.74 -10.37 -7.98
C SER C 50 -5.68 -11.46 -8.18
N PHE C 51 -4.47 -11.22 -7.72
CA PHE C 51 -3.41 -12.21 -7.87
C PHE C 51 -3.66 -13.40 -6.95
N ASP C 52 -4.07 -13.11 -5.73
CA ASP C 52 -4.48 -14.12 -4.76
C ASP C 52 -5.46 -15.10 -5.41
N GLU C 53 -6.08 -14.66 -6.50
CA GLU C 53 -7.08 -15.46 -7.20
C GLU C 53 -6.45 -16.28 -8.31
N MET C 54 -5.46 -15.69 -8.97
CA MET C 54 -4.73 -16.38 -10.03
C MET C 54 -4.05 -17.60 -9.44
N ARG C 55 -3.68 -17.54 -8.17
N ARG C 55 -3.67 -17.54 -8.17
CA ARG C 55 -3.00 -18.67 -7.55
CA ARG C 55 -3.01 -18.67 -7.54
C ARG C 55 -3.99 -19.80 -7.31
C ARG C 55 -3.99 -19.79 -7.30
N HIS C 56 -5.26 -19.41 -7.17
CA HIS C 56 -6.33 -20.38 -7.01
C HIS C 56 -6.59 -21.02 -8.37
N ALA C 57 -6.60 -20.20 -9.41
CA ALA C 57 -6.76 -20.75 -10.74
C ALA C 57 -5.64 -21.75 -11.02
N GLU C 58 -4.43 -21.43 -10.58
CA GLU C 58 -3.30 -22.31 -10.81
C GLU C 58 -3.34 -23.63 -10.04
N GLU C 59 -3.51 -23.57 -8.72
CA GLU C 59 -3.65 -24.80 -7.93
C GLU C 59 -4.77 -25.68 -8.47
N ILE C 60 -5.80 -25.05 -9.06
CA ILE C 60 -6.89 -25.77 -9.71
C ILE C 60 -6.39 -26.38 -11.02
N THR C 61 -5.75 -25.55 -11.84
CA THR C 61 -5.27 -25.97 -13.15
C THR C 61 -4.19 -27.06 -13.03
N ASP C 62 -3.46 -27.07 -11.93
CA ASP C 62 -2.46 -28.11 -11.69
C ASP C 62 -3.14 -29.44 -11.49
N ARG C 63 -3.95 -29.52 -10.45
CA ARG C 63 -4.66 -30.74 -10.08
C ARG C 63 -5.55 -31.26 -11.22
N ILE C 64 -6.19 -30.36 -11.97
CA ILE C 64 -7.00 -30.81 -13.09
C ILE C 64 -6.16 -31.65 -14.04
N LEU C 65 -4.96 -31.17 -14.35
CA LEU C 65 -4.02 -31.89 -15.20
C LEU C 65 -3.49 -33.16 -14.53
N LEU C 66 -3.24 -33.10 -13.22
CA LEU C 66 -2.78 -34.25 -12.47
C LEU C 66 -3.78 -35.39 -12.51
N LEU C 67 -5.06 -35.04 -12.70
CA LEU C 67 -6.14 -36.03 -12.76
C LEU C 67 -6.44 -36.38 -14.21
N ASP C 68 -5.44 -36.17 -15.08
CA ASP C 68 -5.60 -36.28 -16.52
C ASP C 68 -6.88 -35.61 -17.01
N GLY C 69 -7.25 -34.53 -16.34
CA GLY C 69 -8.43 -33.77 -16.70
C GLY C 69 -8.13 -32.81 -17.83
N LEU C 70 -8.92 -31.75 -17.92
CA LEU C 70 -8.81 -30.85 -19.05
C LEU C 70 -9.30 -29.43 -18.76
N PRO C 71 -8.42 -28.61 -18.18
CA PRO C 71 -8.68 -27.22 -17.79
C PRO C 71 -9.43 -26.45 -18.87
N ASN C 72 -10.50 -25.76 -18.47
CA ASN C 72 -11.27 -24.88 -19.35
C ASN C 72 -10.90 -23.40 -19.14
N TYR C 73 -10.43 -22.76 -20.22
CA TYR C 73 -9.92 -21.40 -20.18
C TYR C 73 -10.63 -20.65 -21.28
N GLN C 74 -11.84 -21.09 -21.57
CA GLN C 74 -12.67 -20.45 -22.60
C GLN C 74 -13.91 -19.85 -21.94
N ARG C 75 -14.39 -20.53 -20.91
CA ARG C 75 -15.64 -20.19 -20.28
C ARG C 75 -15.51 -19.09 -19.23
N ILE C 76 -15.71 -17.84 -19.62
CA ILE C 76 -15.69 -16.74 -18.65
C ILE C 76 -17.09 -16.58 -18.08
N GLY C 77 -17.19 -16.55 -16.75
CA GLY C 77 -18.46 -16.38 -16.07
C GLY C 77 -18.91 -14.93 -16.05
N SER C 78 -20.17 -14.69 -15.69
CA SER C 78 -20.76 -13.37 -15.91
C SER C 78 -20.31 -12.30 -14.89
N LEU C 79 -19.55 -11.31 -15.39
CA LEU C 79 -18.98 -10.27 -14.54
C LEU C 79 -20.02 -9.31 -14.04
N ARG C 80 -19.86 -8.90 -12.78
CA ARG C 80 -20.56 -7.75 -12.22
C ARG C 80 -19.52 -6.64 -12.10
N ILE C 81 -19.89 -5.43 -12.52
CA ILE C 81 -18.90 -4.36 -12.55
C ILE C 81 -19.32 -3.06 -11.85
N GLY C 82 -19.02 -2.98 -10.55
CA GLY C 82 -19.24 -1.77 -9.78
C GLY C 82 -18.83 -0.40 -10.33
N GLN C 83 -19.75 0.55 -10.22
CA GLN C 83 -19.48 1.91 -10.70
C GLN C 83 -19.18 2.84 -9.52
N THR C 84 -19.18 2.25 -8.33
CA THR C 84 -18.71 2.92 -7.11
C THR C 84 -18.23 1.86 -6.13
N LEU C 85 -17.42 2.28 -5.17
CA LEU C 85 -16.91 1.38 -4.16
C LEU C 85 -17.99 0.53 -3.48
N ARG C 86 -19.21 1.07 -3.34
CA ARG C 86 -20.23 0.29 -2.62
C ARG C 86 -20.70 -0.95 -3.39
N GLU C 87 -21.06 -0.78 -4.65
CA GLU C 87 -21.39 -1.92 -5.49
C GLU C 87 -20.23 -2.91 -5.54
N GLN C 88 -19.09 -2.42 -6.02
CA GLN C 88 -17.85 -3.20 -6.17
C GLN C 88 -17.65 -4.19 -5.05
N PHE C 89 -17.76 -3.72 -3.81
CA PHE C 89 -17.73 -4.62 -2.66
C PHE C 89 -18.84 -5.66 -2.84
N GLU C 90 -20.08 -5.17 -2.91
CA GLU C 90 -21.27 -6.00 -3.11
C GLU C 90 -21.07 -7.04 -4.25
N ALA C 91 -20.75 -6.56 -5.45
CA ALA C 91 -20.35 -7.42 -6.58
C ALA C 91 -19.35 -8.51 -6.16
N ASP C 92 -18.13 -8.11 -5.88
CA ASP C 92 -17.10 -9.02 -5.44
C ASP C 92 -17.67 -10.01 -4.41
N LEU C 93 -18.41 -9.48 -3.44
CA LEU C 93 -18.94 -10.28 -2.35
C LEU C 93 -19.92 -11.31 -2.87
N ALA C 94 -20.44 -11.04 -4.08
CA ALA C 94 -21.36 -11.94 -4.77
C ALA C 94 -20.63 -13.20 -5.25
N ILE C 95 -19.64 -13.05 -6.13
CA ILE C 95 -18.85 -14.19 -6.59
C ILE C 95 -18.28 -14.98 -5.42
N GLU C 96 -17.82 -14.27 -4.41
CA GLU C 96 -17.20 -14.94 -3.28
C GLU C 96 -18.21 -15.88 -2.61
N TYR C 97 -19.46 -15.44 -2.52
CA TYR C 97 -20.55 -16.22 -1.95
C TYR C 97 -20.96 -17.38 -2.84
N ASP C 98 -21.25 -17.08 -4.11
CA ASP C 98 -21.56 -18.13 -5.06
C ASP C 98 -20.58 -19.27 -4.85
N VAL C 99 -19.30 -18.96 -5.06
CA VAL C 99 -18.22 -19.90 -4.82
C VAL C 99 -18.41 -20.72 -3.56
N LEU C 100 -18.70 -20.06 -2.43
CA LEU C 100 -18.96 -20.81 -1.19
C LEU C 100 -20.09 -21.84 -1.28
N ASN C 101 -21.20 -21.48 -1.91
CA ASN C 101 -22.37 -22.38 -2.02
C ASN C 101 -22.16 -23.53 -3.01
N ARG C 102 -21.29 -23.32 -3.99
CA ARG C 102 -20.92 -24.36 -4.94
C ARG C 102 -19.89 -25.34 -4.36
N LEU C 103 -19.02 -24.83 -3.49
CA LEU C 103 -17.95 -25.64 -2.90
C LEU C 103 -18.41 -26.48 -1.72
N LYS C 104 -19.25 -25.91 -0.88
CA LYS C 104 -19.77 -26.62 0.30
C LYS C 104 -20.04 -28.10 -0.03
N PRO C 105 -21.05 -28.37 -0.88
CA PRO C 105 -21.31 -29.73 -1.37
C PRO C 105 -20.08 -30.40 -1.95
N GLY C 106 -19.48 -29.74 -2.95
CA GLY C 106 -18.28 -30.24 -3.59
C GLY C 106 -17.28 -31.00 -2.74
N ILE C 107 -16.94 -30.39 -1.60
CA ILE C 107 -16.08 -31.03 -0.61
C ILE C 107 -16.66 -32.37 -0.15
N VAL C 108 -17.98 -32.49 -0.20
CA VAL C 108 -18.63 -33.75 0.18
C VAL C 108 -18.58 -34.76 -0.96
N MET C 109 -18.91 -34.31 -2.18
CA MET C 109 -18.86 -35.18 -3.34
C MET C 109 -17.48 -35.75 -3.51
N CYS C 110 -16.47 -34.93 -3.22
CA CYS C 110 -15.08 -35.36 -3.34
C CYS C 110 -14.75 -36.47 -2.35
N ARG C 111 -14.94 -36.18 -1.06
CA ARG C 111 -14.53 -37.14 -0.04
C ARG C 111 -15.28 -38.46 -0.23
N GLU C 112 -16.53 -38.37 -0.65
CA GLU C 112 -17.30 -39.56 -0.97
C GLU C 112 -16.72 -40.33 -2.14
N LYS C 113 -16.68 -39.71 -3.31
CA LYS C 113 -16.09 -40.32 -4.50
C LYS C 113 -14.57 -40.55 -4.34
N GLN C 114 -14.05 -40.15 -3.19
CA GLN C 114 -12.71 -40.53 -2.74
C GLN C 114 -11.52 -39.72 -3.22
N ASP C 115 -11.76 -38.53 -3.75
CA ASP C 115 -10.66 -37.61 -4.07
C ASP C 115 -10.35 -36.68 -2.90
N THR C 116 -9.63 -37.19 -1.91
CA THR C 116 -9.25 -36.43 -0.73
C THR C 116 -8.37 -35.24 -1.09
N THR C 117 -7.44 -35.48 -2.00
CA THR C 117 -6.48 -34.45 -2.33
C THR C 117 -7.26 -33.25 -2.84
N SER C 118 -8.06 -33.43 -3.89
CA SER C 118 -8.96 -32.37 -4.35
C SER C 118 -9.87 -31.84 -3.22
N ALA C 119 -10.27 -32.72 -2.32
CA ALA C 119 -10.98 -32.27 -1.14
C ALA C 119 -10.20 -31.13 -0.51
N VAL C 120 -9.07 -31.45 0.10
CA VAL C 120 -8.27 -30.47 0.82
C VAL C 120 -7.87 -29.27 -0.05
N LEU C 121 -7.73 -29.47 -1.35
CA LEU C 121 -7.52 -28.28 -2.17
C LEU C 121 -8.67 -27.30 -1.94
N LEU C 122 -9.88 -27.78 -2.17
CA LEU C 122 -11.07 -26.93 -2.21
C LEU C 122 -11.47 -26.43 -0.85
N GLU C 123 -11.14 -27.20 0.20
CA GLU C 123 -11.27 -26.68 1.53
C GLU C 123 -10.48 -25.39 1.60
N LYS C 124 -9.18 -25.49 1.35
CA LYS C 124 -8.30 -24.34 1.41
C LYS C 124 -8.82 -23.13 0.63
N ILE C 125 -9.24 -23.35 -0.61
CA ILE C 125 -9.79 -22.26 -1.37
C ILE C 125 -10.87 -21.57 -0.53
N VAL C 126 -11.76 -22.38 0.04
CA VAL C 126 -12.85 -21.90 0.89
C VAL C 126 -12.39 -21.01 2.03
N ALA C 127 -11.50 -21.52 2.88
CA ALA C 127 -10.97 -20.73 3.99
C ALA C 127 -10.66 -19.31 3.54
N ASP C 128 -9.96 -19.20 2.42
CA ASP C 128 -9.58 -17.92 1.84
C ASP C 128 -10.80 -17.11 1.52
N GLU C 129 -11.74 -17.79 0.86
CA GLU C 129 -12.95 -17.15 0.37
C GLU C 129 -13.71 -16.51 1.53
N GLU C 130 -13.69 -17.17 2.68
CA GLU C 130 -14.30 -16.64 3.89
C GLU C 130 -13.50 -15.42 4.39
N GLU C 131 -12.17 -15.55 4.38
CA GLU C 131 -11.34 -14.45 4.82
C GLU C 131 -11.64 -13.19 4.00
N HIS C 132 -11.88 -13.35 2.70
CA HIS C 132 -12.15 -12.21 1.82
C HIS C 132 -13.61 -11.70 1.95
N ILE C 133 -14.48 -12.56 2.48
CA ILE C 133 -15.86 -12.21 2.76
C ILE C 133 -15.96 -11.43 4.08
N ASP C 134 -15.32 -11.96 5.11
CA ASP C 134 -15.23 -11.26 6.37
C ASP C 134 -14.71 -9.86 6.12
N TYR C 135 -13.82 -9.71 5.13
CA TYR C 135 -13.22 -8.42 4.79
C TYR C 135 -14.23 -7.53 4.07
N LEU C 136 -14.83 -8.07 3.02
CA LEU C 136 -15.76 -7.31 2.19
C LEU C 136 -16.97 -6.77 2.95
N GLU C 137 -17.30 -7.37 4.10
CA GLU C 137 -18.45 -6.92 4.86
C GLU C 137 -18.09 -5.87 5.92
N THR C 138 -16.86 -5.98 6.45
CA THR C 138 -16.32 -4.97 7.34
C THR C 138 -16.20 -3.69 6.56
N GLN C 139 -15.83 -3.84 5.30
CA GLN C 139 -15.72 -2.69 4.41
C GLN C 139 -17.08 -2.04 4.23
N LEU C 140 -18.11 -2.87 4.26
CA LEU C 140 -19.49 -2.40 4.14
C LEU C 140 -19.97 -1.76 5.44
N GLU C 141 -19.50 -2.29 6.58
CA GLU C 141 -19.82 -1.70 7.87
C GLU C 141 -19.09 -0.38 8.09
N LEU C 142 -17.76 -0.42 8.12
CA LEU C 142 -16.98 0.80 8.25
C LEU C 142 -17.56 1.88 7.33
N MET C 143 -18.27 1.46 6.30
CA MET C 143 -18.84 2.39 5.34
C MET C 143 -20.08 3.02 5.91
N ASP C 144 -20.84 2.22 6.66
CA ASP C 144 -22.01 2.70 7.35
C ASP C 144 -21.55 3.45 8.59
N LYS C 145 -20.85 2.75 9.47
CA LYS C 145 -20.31 3.32 10.71
C LYS C 145 -19.63 4.66 10.54
N LEU C 146 -18.65 4.72 9.63
CA LEU C 146 -17.87 5.95 9.43
C LEU C 146 -18.55 6.94 8.49
N GLY C 147 -19.32 6.42 7.51
CA GLY C 147 -19.88 7.25 6.46
C GLY C 147 -19.09 7.10 5.16
N GLU C 148 -19.75 7.22 4.02
CA GLU C 148 -19.08 6.95 2.76
C GLU C 148 -17.91 7.89 2.44
N GLU C 149 -18.18 9.19 2.49
CA GLU C 149 -17.11 10.17 2.29
C GLU C 149 -15.96 9.71 3.17
N LEU C 150 -16.25 9.47 4.45
CA LEU C 150 -15.19 9.19 5.42
C LEU C 150 -14.43 7.89 5.18
N TYR C 151 -15.12 6.76 5.05
CA TYR C 151 -14.44 5.54 4.63
C TYR C 151 -13.62 5.83 3.39
N SER C 152 -14.24 6.49 2.43
CA SER C 152 -13.58 6.80 1.16
C SER C 152 -12.25 7.52 1.36
N ALA C 153 -12.17 8.37 2.38
CA ALA C 153 -10.92 9.09 2.65
C ALA C 153 -9.77 8.23 3.27
N GLN C 154 -10.09 7.03 3.75
CA GLN C 154 -9.05 6.12 4.27
C GLN C 154 -8.54 5.22 3.15
N CYS C 155 -8.80 5.65 1.91
CA CYS C 155 -8.55 4.83 0.73
C CYS C 155 -7.78 5.64 -0.27
N VAL C 156 -7.48 6.86 0.13
CA VAL C 156 -6.60 7.70 -0.66
C VAL C 156 -5.30 7.75 0.11
N SER C 157 -4.24 8.08 -0.59
CA SER C 157 -2.99 8.29 0.08
C SER C 157 -3.04 9.73 0.52
N ARG C 158 -1.89 10.26 0.91
CA ARG C 158 -1.82 11.60 1.42
C ARG C 158 -0.53 12.28 0.97
N PRO C 159 -0.62 13.16 -0.04
CA PRO C 159 -1.90 13.55 -0.66
C PRO C 159 -2.47 12.46 -1.59
N PRO C 160 -3.71 12.68 -2.06
CA PRO C 160 -4.38 11.78 -3.00
C PRO C 160 -3.56 11.60 -4.26
N THR C 161 -3.50 10.33 -4.68
CA THR C 161 -2.57 9.82 -5.70
C THR C 161 -1.57 10.82 -6.27
N MET D 3 -11.84 15.21 -20.58
CA MET D 3 -10.99 14.48 -21.52
C MET D 3 -11.60 13.12 -21.87
N GLN D 4 -12.04 12.97 -23.12
CA GLN D 4 -12.46 11.66 -23.60
C GLN D 4 -11.71 11.29 -24.89
N GLY D 5 -11.62 10.00 -25.16
CA GLY D 5 -10.86 9.54 -26.31
C GLY D 5 -11.78 9.15 -27.46
N ASP D 6 -11.23 9.27 -28.66
CA ASP D 6 -11.89 8.89 -29.90
C ASP D 6 -12.49 7.48 -29.85
N PRO D 7 -13.82 7.38 -30.01
CA PRO D 7 -14.59 6.13 -29.82
C PRO D 7 -14.19 5.03 -30.79
N ASP D 8 -13.58 5.41 -31.91
CA ASP D 8 -13.01 4.43 -32.82
C ASP D 8 -11.76 3.81 -32.21
N VAL D 9 -10.85 4.67 -31.75
CA VAL D 9 -9.67 4.23 -31.01
C VAL D 9 -10.07 3.34 -29.83
N LEU D 10 -10.89 3.88 -28.94
CA LEU D 10 -11.34 3.11 -27.78
C LEU D 10 -11.90 1.77 -28.20
N ARG D 11 -12.37 1.67 -29.44
CA ARG D 11 -12.84 0.40 -29.98
C ARG D 11 -11.66 -0.50 -30.35
N LEU D 12 -10.65 0.11 -30.97
CA LEU D 12 -9.44 -0.60 -31.36
C LEU D 12 -8.62 -1.05 -30.15
N LEU D 13 -8.44 -0.13 -29.19
CA LEU D 13 -7.88 -0.41 -27.88
C LEU D 13 -8.57 -1.58 -27.17
N ASN D 14 -9.89 -1.51 -27.08
CA ASN D 14 -10.64 -2.61 -26.52
C ASN D 14 -10.53 -3.92 -27.32
N GLU D 15 -10.37 -3.78 -28.63
CA GLU D 15 -10.19 -4.93 -29.51
C GLU D 15 -8.85 -5.63 -29.32
N GLN D 16 -7.81 -4.85 -29.05
CA GLN D 16 -6.54 -5.46 -28.66
C GLN D 16 -6.62 -6.07 -27.26
N LEU D 17 -7.37 -5.42 -26.39
CA LEU D 17 -7.50 -5.87 -25.00
C LEU D 17 -8.09 -7.28 -24.89
N THR D 18 -9.14 -7.57 -25.64
CA THR D 18 -9.77 -8.89 -25.58
C THR D 18 -8.83 -9.93 -26.20
N SER D 19 -8.03 -9.48 -27.16
CA SER D 19 -7.02 -10.32 -27.79
C SER D 19 -5.98 -10.73 -26.76
N GLU D 20 -5.40 -9.72 -26.10
CA GLU D 20 -4.31 -9.90 -25.15
C GLU D 20 -4.76 -10.79 -24.00
N LEU D 21 -6.06 -10.77 -23.72
CA LEU D 21 -6.64 -11.54 -22.64
C LEU D 21 -6.83 -12.96 -23.08
N THR D 22 -6.90 -13.13 -24.39
CA THR D 22 -7.00 -14.44 -25.00
C THR D 22 -5.64 -15.12 -25.02
N ALA D 23 -4.61 -14.37 -25.34
CA ALA D 23 -3.22 -14.84 -25.22
C ALA D 23 -2.85 -15.18 -23.76
N ILE D 24 -3.12 -14.25 -22.83
CA ILE D 24 -2.83 -14.51 -21.43
C ILE D 24 -3.31 -15.91 -21.07
N ASN D 25 -4.49 -16.28 -21.59
CA ASN D 25 -5.12 -17.56 -21.28
C ASN D 25 -4.66 -18.73 -22.15
N GLN D 26 -4.55 -18.50 -23.45
CA GLN D 26 -4.01 -19.51 -24.35
C GLN D 26 -2.64 -19.96 -23.87
N TYR D 27 -1.67 -19.05 -23.99
CA TYR D 27 -0.28 -19.25 -23.54
C TYR D 27 -0.15 -19.88 -22.15
N PHE D 28 -0.76 -19.26 -21.16
CA PHE D 28 -0.66 -19.79 -19.81
C PHE D 28 -0.99 -21.29 -19.74
N LEU D 29 -2.12 -21.68 -20.32
CA LEU D 29 -2.48 -23.10 -20.38
C LEU D 29 -1.39 -23.92 -21.08
N HIS D 30 -0.97 -23.47 -22.26
CA HIS D 30 0.10 -24.16 -22.98
C HIS D 30 1.26 -24.43 -22.04
N SER D 31 1.83 -23.36 -21.49
CA SER D 31 2.93 -23.50 -20.57
C SER D 31 2.67 -24.63 -19.58
N LYS D 32 1.52 -24.62 -18.93
CA LYS D 32 1.24 -25.60 -17.89
C LYS D 32 1.23 -26.97 -18.51
N MET D 33 0.59 -27.08 -19.68
CA MET D 33 0.52 -28.35 -20.40
C MET D 33 1.90 -28.88 -20.67
N GLN D 34 2.68 -28.03 -21.33
CA GLN D 34 4.12 -28.19 -21.44
C GLN D 34 4.79 -28.65 -20.13
N ASP D 35 4.46 -28.03 -18.99
CA ASP D 35 5.10 -28.45 -17.75
C ASP D 35 4.68 -29.88 -17.38
N ASN D 36 3.36 -30.15 -17.39
CA ASN D 36 2.82 -31.49 -17.15
C ASN D 36 3.33 -32.57 -18.13
N TRP D 37 3.76 -32.12 -19.32
CA TRP D 37 4.40 -33.02 -20.29
C TRP D 37 5.84 -33.41 -19.93
N GLY D 38 6.55 -32.56 -19.19
CA GLY D 38 7.93 -32.86 -18.84
C GLY D 38 8.89 -31.85 -19.45
N PHE D 39 8.34 -31.07 -20.37
CA PHE D 39 9.07 -29.97 -20.97
C PHE D 39 9.06 -28.79 -20.00
N THR D 40 9.80 -28.92 -18.91
CA THR D 40 9.76 -27.92 -17.86
C THR D 40 10.55 -26.74 -18.34
N GLU D 41 11.64 -27.03 -19.04
CA GLU D 41 12.50 -25.97 -19.57
C GLU D 41 11.70 -25.10 -20.49
N LEU D 42 10.93 -25.72 -21.36
CA LEU D 42 10.15 -24.95 -22.33
C LEU D 42 9.07 -24.21 -21.60
N ALA D 43 8.39 -24.91 -20.69
CA ALA D 43 7.28 -24.35 -19.92
C ALA D 43 7.62 -22.95 -19.41
N ALA D 44 8.63 -22.88 -18.55
CA ALA D 44 9.12 -21.62 -18.03
C ALA D 44 9.08 -20.51 -19.06
N HIS D 45 9.58 -20.79 -20.25
CA HIS D 45 9.70 -19.76 -21.27
C HIS D 45 8.34 -19.22 -21.66
N THR D 46 7.45 -20.15 -21.99
CA THR D 46 6.11 -19.84 -22.45
C THR D 46 5.41 -19.02 -21.38
N ARG D 47 5.58 -19.45 -20.14
CA ARG D 47 5.01 -18.74 -18.99
C ARG D 47 5.38 -17.26 -19.01
N ALA D 48 6.65 -16.99 -19.29
CA ALA D 48 7.13 -15.63 -19.34
C ALA D 48 6.46 -14.87 -20.47
N GLU D 49 5.93 -15.58 -21.46
CA GLU D 49 5.19 -14.88 -22.52
C GLU D 49 3.76 -14.53 -22.11
N SER D 50 3.11 -15.43 -21.37
CA SER D 50 1.78 -15.12 -20.86
C SER D 50 1.82 -13.94 -19.87
N PHE D 51 2.76 -14.00 -18.93
CA PHE D 51 2.94 -12.92 -17.99
C PHE D 51 3.13 -11.54 -18.62
N ASP D 52 3.90 -11.50 -19.70
CA ASP D 52 4.14 -10.28 -20.43
C ASP D 52 2.91 -9.81 -21.25
N GLU D 53 2.04 -10.79 -21.52
CA GLU D 53 0.75 -10.59 -22.21
C GLU D 53 -0.09 -9.76 -21.26
N MET D 54 -0.19 -10.26 -20.03
CA MET D 54 -0.86 -9.59 -18.93
C MET D 54 -0.42 -8.14 -18.77
N ARG D 55 0.91 -7.92 -19.04
N ARG D 55 0.89 -7.85 -19.04
CA ARG D 55 1.54 -6.60 -19.02
CA ARG D 55 1.37 -6.49 -18.90
C ARG D 55 0.78 -5.65 -19.93
C ARG D 55 0.77 -5.56 -19.96
N HIS D 56 0.64 -6.02 -21.17
CA HIS D 56 -0.06 -5.22 -22.19
C HIS D 56 -1.51 -4.99 -21.80
N ALA D 57 -2.16 -6.05 -21.32
CA ALA D 57 -3.55 -5.96 -20.87
C ALA D 57 -3.76 -4.82 -19.88
N GLU D 58 -2.89 -4.77 -18.87
CA GLU D 58 -2.88 -3.70 -17.89
C GLU D 58 -2.60 -2.35 -18.56
N GLU D 59 -1.52 -2.27 -19.34
CA GLU D 59 -1.19 -1.01 -19.98
C GLU D 59 -2.29 -0.51 -20.91
N ILE D 60 -3.06 -1.45 -21.49
CA ILE D 60 -4.20 -1.09 -22.37
C ILE D 60 -5.37 -0.59 -21.53
N THR D 61 -5.73 -1.35 -20.51
CA THR D 61 -6.63 -0.91 -19.45
C THR D 61 -6.29 0.52 -18.99
N ASP D 62 -5.00 0.82 -18.95
CA ASP D 62 -4.48 2.11 -18.48
C ASP D 62 -4.92 3.23 -19.39
N ARG D 63 -4.56 3.13 -20.65
CA ARG D 63 -4.99 4.11 -21.63
C ARG D 63 -6.53 4.20 -21.67
N ILE D 64 -7.20 3.05 -21.65
CA ILE D 64 -8.64 3.02 -21.71
C ILE D 64 -9.22 3.89 -20.59
N LEU D 65 -8.94 3.52 -19.35
CA LEU D 65 -9.41 4.30 -18.22
C LEU D 65 -9.08 5.79 -18.39
N LEU D 66 -7.84 6.10 -18.74
CA LEU D 66 -7.39 7.48 -18.91
C LEU D 66 -8.18 8.18 -20.02
N LEU D 67 -8.50 7.43 -21.07
CA LEU D 67 -9.25 8.00 -22.18
C LEU D 67 -10.75 8.00 -21.90
N ASP D 68 -11.11 7.36 -20.78
CA ASP D 68 -12.44 7.46 -20.18
C ASP D 68 -13.48 6.47 -20.72
N GLY D 69 -13.04 5.45 -21.43
CA GLY D 69 -13.91 4.38 -21.89
C GLY D 69 -14.03 3.21 -20.93
N LEU D 70 -14.49 2.07 -21.42
CA LEU D 70 -14.71 0.96 -20.49
C LEU D 70 -13.92 -0.27 -20.90
N PRO D 71 -12.91 -0.63 -20.08
CA PRO D 71 -12.09 -1.83 -20.19
C PRO D 71 -12.94 -3.10 -20.23
N ASN D 72 -12.86 -3.82 -21.36
CA ASN D 72 -13.67 -5.01 -21.57
C ASN D 72 -13.02 -6.28 -21.03
N TYR D 73 -13.55 -6.79 -19.92
CA TYR D 73 -13.01 -8.00 -19.30
C TYR D 73 -14.03 -9.13 -19.35
N GLN D 74 -15.08 -8.95 -20.15
CA GLN D 74 -16.11 -9.99 -20.34
C GLN D 74 -15.87 -10.73 -21.65
N ARG D 75 -15.34 -10.01 -22.63
CA ARG D 75 -15.05 -10.60 -23.91
C ARG D 75 -13.82 -11.49 -23.75
N ILE D 76 -13.61 -12.39 -24.70
CA ILE D 76 -12.49 -13.31 -24.69
C ILE D 76 -12.55 -14.25 -25.90
N GLY D 77 -11.77 -13.94 -26.93
CA GLY D 77 -11.76 -14.71 -28.16
C GLY D 77 -11.78 -16.22 -27.95
N SER D 78 -11.77 -16.96 -29.06
CA SER D 78 -11.77 -18.43 -29.00
C SER D 78 -10.37 -18.99 -28.77
N LEU D 79 -10.27 -19.96 -27.86
CA LEU D 79 -8.98 -20.57 -27.53
C LEU D 79 -8.79 -21.82 -28.40
N ARG D 80 -7.66 -21.88 -29.11
CA ARG D 80 -7.23 -23.14 -29.72
C ARG D 80 -6.00 -23.63 -28.94
N ILE D 81 -6.22 -24.71 -28.19
CA ILE D 81 -5.22 -25.18 -27.25
C ILE D 81 -4.44 -26.35 -27.90
N GLY D 82 -3.17 -26.08 -28.23
CA GLY D 82 -2.31 -27.08 -28.87
C GLY D 82 -2.29 -28.43 -28.17
N GLN D 83 -2.07 -29.50 -28.95
CA GLN D 83 -2.01 -30.84 -28.38
C GLN D 83 -0.68 -31.58 -28.72
N THR D 84 0.14 -30.95 -29.56
CA THR D 84 1.55 -31.30 -29.71
C THR D 84 2.36 -30.02 -29.48
N LEU D 85 3.62 -30.13 -29.06
CA LEU D 85 4.47 -28.93 -28.94
C LEU D 85 4.40 -28.09 -30.22
N ARG D 86 4.85 -28.66 -31.33
CA ARG D 86 4.66 -28.05 -32.66
C ARG D 86 3.29 -27.38 -32.86
N GLU D 87 2.23 -28.06 -32.42
CA GLU D 87 0.89 -27.54 -32.63
C GLU D 87 0.72 -26.20 -31.91
N GLN D 88 1.07 -26.18 -30.63
CA GLN D 88 0.93 -25.00 -29.80
C GLN D 88 1.65 -23.80 -30.37
N PHE D 89 2.89 -24.04 -30.81
CA PHE D 89 3.62 -23.00 -31.50
C PHE D 89 2.74 -22.34 -32.56
N GLU D 90 2.18 -23.18 -33.44
CA GLU D 90 1.39 -22.73 -34.59
C GLU D 90 0.09 -22.07 -34.16
N ALA D 91 -0.45 -22.52 -33.04
CA ALA D 91 -1.63 -21.89 -32.49
C ALA D 91 -1.31 -20.45 -32.07
N ASP D 92 -0.13 -20.25 -31.52
CA ASP D 92 0.20 -18.99 -30.88
C ASP D 92 0.74 -17.99 -31.89
N LEU D 93 1.35 -18.49 -32.96
CA LEU D 93 1.68 -17.66 -34.09
C LEU D 93 0.36 -17.15 -34.64
N ALA D 94 -0.65 -18.00 -34.58
CA ALA D 94 -1.97 -17.62 -35.03
C ALA D 94 -2.35 -16.26 -34.45
N ILE D 95 -2.41 -16.19 -33.12
CA ILE D 95 -2.73 -14.97 -32.40
C ILE D 95 -1.82 -13.81 -32.78
N GLU D 96 -0.51 -14.00 -32.65
CA GLU D 96 0.42 -12.92 -32.88
C GLU D 96 0.22 -12.24 -34.25
N TYR D 97 -0.29 -13.00 -35.22
CA TYR D 97 -0.59 -12.44 -36.54
C TYR D 97 -1.91 -11.66 -36.58
N ASP D 98 -2.94 -12.21 -35.94
CA ASP D 98 -4.20 -11.49 -35.83
C ASP D 98 -3.92 -10.16 -35.18
N VAL D 99 -3.06 -10.20 -34.18
CA VAL D 99 -2.69 -8.99 -33.47
C VAL D 99 -1.97 -8.06 -34.44
N LEU D 100 -1.02 -8.60 -35.20
CA LEU D 100 -0.30 -7.76 -36.14
C LEU D 100 -1.24 -7.30 -37.24
N ASN D 101 -2.21 -8.14 -37.58
CA ASN D 101 -3.15 -7.83 -38.66
C ASN D 101 -4.16 -6.73 -38.31
N ARG D 102 -4.47 -6.62 -37.03
CA ARG D 102 -5.42 -5.63 -36.56
C ARG D 102 -4.69 -4.34 -36.25
N LEU D 103 -3.43 -4.49 -35.85
CA LEU D 103 -2.69 -3.40 -35.26
C LEU D 103 -1.92 -2.51 -36.22
N LYS D 104 -1.43 -3.06 -37.33
CA LYS D 104 -0.67 -2.25 -38.27
C LYS D 104 -1.54 -1.14 -38.84
N PRO D 105 -2.74 -1.50 -39.33
CA PRO D 105 -3.69 -0.48 -39.82
C PRO D 105 -4.15 0.40 -38.69
N GLY D 106 -4.60 -0.25 -37.61
CA GLY D 106 -5.08 0.40 -36.41
C GLY D 106 -4.15 1.45 -35.82
N ILE D 107 -2.87 1.38 -36.17
CA ILE D 107 -1.91 2.34 -35.65
C ILE D 107 -2.11 3.69 -36.35
N VAL D 108 -2.18 3.69 -37.67
CA VAL D 108 -2.26 4.97 -38.38
C VAL D 108 -3.56 5.69 -38.02
N MET D 109 -4.62 4.92 -37.76
CA MET D 109 -5.89 5.54 -37.39
C MET D 109 -5.66 6.45 -36.20
N CYS D 110 -5.08 5.88 -35.15
CA CYS D 110 -4.68 6.62 -33.95
C CYS D 110 -3.92 7.87 -34.37
N ARG D 111 -2.81 7.68 -35.06
CA ARG D 111 -1.97 8.77 -35.53
C ARG D 111 -2.74 9.91 -36.20
N GLU D 112 -3.52 9.56 -37.23
CA GLU D 112 -4.30 10.54 -37.98
C GLU D 112 -5.36 11.22 -37.13
N LYS D 113 -6.03 10.41 -36.30
CA LYS D 113 -7.06 10.93 -35.39
C LYS D 113 -6.44 11.66 -34.20
N GLN D 114 -5.20 12.15 -34.38
CA GLN D 114 -4.46 12.88 -33.34
C GLN D 114 -4.51 12.20 -31.94
N ASP D 115 -4.15 10.92 -31.88
CA ASP D 115 -3.92 10.24 -30.59
C ASP D 115 -2.52 9.60 -30.51
N THR D 116 -1.52 10.42 -30.18
CA THR D 116 -0.12 10.03 -30.30
C THR D 116 0.29 8.93 -29.34
N THR D 117 -0.25 8.97 -28.13
CA THR D 117 0.22 8.10 -27.08
C THR D 117 -0.37 6.72 -27.29
N SER D 118 -1.61 6.68 -27.75
CA SER D 118 -2.25 5.40 -28.03
C SER D 118 -1.48 4.66 -29.14
N ALA D 119 -0.95 5.44 -30.09
CA ALA D 119 -0.13 4.87 -31.14
C ALA D 119 1.10 4.23 -30.51
N VAL D 120 1.93 5.04 -29.86
CA VAL D 120 3.13 4.51 -29.26
C VAL D 120 2.83 3.25 -28.42
N LEU D 121 1.76 3.27 -27.63
CA LEU D 121 1.39 2.07 -26.88
C LEU D 121 1.48 0.86 -27.77
N LEU D 122 0.79 0.90 -28.90
CA LEU D 122 0.65 -0.26 -29.75
C LEU D 122 1.88 -0.47 -30.61
N GLU D 123 2.50 0.63 -31.04
CA GLU D 123 3.77 0.49 -31.75
C GLU D 123 4.69 -0.46 -31.01
N LYS D 124 4.54 -0.49 -29.69
CA LYS D 124 5.38 -1.34 -28.85
C LYS D 124 4.83 -2.75 -28.74
N ILE D 125 3.51 -2.88 -28.61
CA ILE D 125 2.95 -4.22 -28.51
C ILE D 125 3.34 -4.99 -29.78
N VAL D 126 3.14 -4.33 -30.91
CA VAL D 126 3.59 -4.81 -32.23
C VAL D 126 5.00 -5.42 -32.20
N ALA D 127 5.99 -4.61 -31.80
CA ALA D 127 7.38 -5.05 -31.75
C ALA D 127 7.55 -6.32 -30.94
N ASP D 128 6.88 -6.38 -29.80
CA ASP D 128 6.90 -7.59 -29.00
C ASP D 128 6.35 -8.73 -29.81
N GLU D 129 5.16 -8.54 -30.39
CA GLU D 129 4.55 -9.59 -31.17
C GLU D 129 5.50 -10.09 -32.24
N GLU D 130 6.10 -9.18 -32.99
CA GLU D 130 7.08 -9.57 -34.02
C GLU D 130 8.19 -10.42 -33.40
N GLU D 131 8.70 -9.97 -32.26
CA GLU D 131 9.75 -10.74 -31.62
C GLU D 131 9.27 -12.14 -31.21
N HIS D 132 8.03 -12.24 -30.74
CA HIS D 132 7.50 -13.52 -30.27
C HIS D 132 7.14 -14.44 -31.45
N ILE D 133 6.66 -13.82 -32.51
CA ILE D 133 6.45 -14.49 -33.78
C ILE D 133 7.79 -15.07 -34.26
N ASP D 134 8.77 -14.20 -34.50
CA ASP D 134 10.13 -14.61 -34.85
C ASP D 134 10.58 -15.84 -34.05
N TYR D 135 10.53 -15.72 -32.74
CA TYR D 135 10.86 -16.79 -31.83
C TYR D 135 10.18 -18.11 -32.23
N LEU D 136 8.87 -18.02 -32.46
CA LEU D 136 8.02 -19.19 -32.66
C LEU D 136 8.30 -19.89 -33.98
N GLU D 137 8.60 -19.10 -35.00
CA GLU D 137 8.93 -19.64 -36.30
C GLU D 137 10.36 -20.14 -36.23
N THR D 138 11.17 -19.48 -35.41
CA THR D 138 12.53 -19.96 -35.25
C THR D 138 12.51 -21.32 -34.58
N GLN D 139 11.60 -21.51 -33.63
CA GLN D 139 11.42 -22.87 -33.09
C GLN D 139 11.09 -23.86 -34.19
N LEU D 140 10.05 -23.57 -34.97
CA LEU D 140 9.55 -24.51 -35.99
C LEU D 140 10.59 -24.81 -37.08
N GLU D 141 11.36 -23.81 -37.48
CA GLU D 141 12.49 -24.07 -38.37
C GLU D 141 13.45 -25.02 -37.63
N LEU D 142 13.74 -24.73 -36.38
CA LEU D 142 14.59 -25.58 -35.57
C LEU D 142 13.92 -26.93 -35.35
N MET D 143 12.60 -26.95 -35.40
CA MET D 143 11.89 -28.19 -35.18
C MET D 143 12.13 -29.11 -36.37
N ASP D 144 12.23 -28.52 -37.56
CA ASP D 144 12.42 -29.29 -38.79
C ASP D 144 13.88 -29.71 -38.97
N LYS D 145 14.79 -28.76 -38.82
CA LYS D 145 16.23 -29.03 -38.90
C LYS D 145 16.67 -30.11 -37.92
N LEU D 146 16.35 -29.93 -36.64
CA LEU D 146 16.69 -30.95 -35.65
C LEU D 146 15.82 -32.21 -35.76
N GLY D 147 14.53 -32.01 -35.98
CA GLY D 147 13.55 -33.09 -35.85
C GLY D 147 12.77 -33.00 -34.54
N GLU D 148 11.57 -33.56 -34.50
CA GLU D 148 10.72 -33.40 -33.33
C GLU D 148 11.30 -34.01 -32.06
N GLU D 149 11.73 -35.26 -32.14
CA GLU D 149 12.33 -35.91 -30.99
C GLU D 149 13.50 -35.07 -30.50
N LEU D 150 14.35 -34.64 -31.42
CA LEU D 150 15.58 -33.98 -31.02
C LEU D 150 15.25 -32.69 -30.29
N TYR D 151 14.51 -31.82 -30.97
CA TYR D 151 14.12 -30.54 -30.39
C TYR D 151 13.44 -30.69 -29.03
N SER D 152 12.40 -31.52 -28.97
CA SER D 152 11.64 -31.68 -27.75
C SER D 152 12.57 -31.96 -26.58
N ALA D 153 13.57 -32.79 -26.83
CA ALA D 153 14.51 -33.19 -25.76
C ALA D 153 15.27 -32.00 -25.17
N GLN D 154 15.37 -30.93 -25.95
CA GLN D 154 16.01 -29.73 -25.50
C GLN D 154 15.10 -28.91 -24.62
N CYS D 155 13.89 -29.41 -24.37
CA CYS D 155 12.91 -28.66 -23.60
C CYS D 155 12.63 -29.36 -22.29
N VAL D 156 13.33 -30.45 -22.10
CA VAL D 156 13.25 -31.18 -20.85
C VAL D 156 14.47 -30.76 -20.05
N SER D 157 14.37 -30.82 -18.74
CA SER D 157 15.54 -30.62 -17.93
C SER D 157 16.22 -31.97 -17.88
N ARG D 158 17.46 -32.00 -17.46
CA ARG D 158 18.12 -33.27 -17.28
C ARG D 158 18.55 -33.44 -15.85
N PRO D 159 17.93 -34.40 -15.16
CA PRO D 159 16.97 -35.26 -15.84
C PRO D 159 15.58 -34.64 -15.83
N PRO D 160 14.69 -35.12 -16.71
CA PRO D 160 13.29 -34.70 -16.85
C PRO D 160 12.56 -34.41 -15.54
N THR D 161 12.04 -33.19 -15.39
CA THR D 161 11.17 -32.86 -14.28
C THR D 161 11.87 -33.00 -12.93
N MET E 3 -21.71 -12.80 6.91
CA MET E 3 -22.36 -14.11 6.81
C MET E 3 -22.70 -14.68 8.19
N GLN E 4 -23.44 -15.78 8.21
CA GLN E 4 -23.77 -16.45 9.47
C GLN E 4 -23.25 -17.88 9.53
N GLY E 5 -23.00 -18.36 10.74
CA GLY E 5 -22.49 -19.71 10.92
C GLY E 5 -23.53 -20.65 11.55
N ASP E 6 -23.29 -21.95 11.41
CA ASP E 6 -24.27 -22.95 11.83
C ASP E 6 -24.47 -22.95 13.34
N PRO E 7 -25.70 -22.63 13.77
CA PRO E 7 -26.02 -22.61 15.20
C PRO E 7 -25.33 -23.76 15.93
N ASP E 8 -25.36 -24.96 15.34
CA ASP E 8 -24.83 -26.16 16.00
C ASP E 8 -23.34 -26.03 16.29
N VAL E 9 -22.63 -25.48 15.31
CA VAL E 9 -21.17 -25.26 15.34
C VAL E 9 -20.79 -24.19 16.36
N LEU E 10 -21.45 -23.03 16.28
CA LEU E 10 -21.17 -21.92 17.21
C LEU E 10 -21.23 -22.36 18.68
N ARG E 11 -22.09 -23.34 18.98
CA ARG E 11 -22.21 -23.86 20.34
C ARG E 11 -21.18 -24.96 20.61
N LEU E 12 -20.72 -25.60 19.53
CA LEU E 12 -19.62 -26.56 19.60
C LEU E 12 -18.32 -25.79 19.77
N LEU E 13 -18.19 -24.74 18.96
CA LEU E 13 -17.02 -23.87 18.97
C LEU E 13 -16.90 -23.17 20.31
N ASN E 14 -17.96 -22.49 20.70
CA ASN E 14 -17.90 -21.79 21.95
C ASN E 14 -17.62 -22.75 23.08
N GLU E 15 -18.16 -23.95 22.99
CA GLU E 15 -17.98 -24.95 24.04
C GLU E 15 -16.52 -25.35 24.17
N GLN E 16 -15.80 -25.36 23.04
CA GLN E 16 -14.37 -25.67 23.08
C GLN E 16 -13.58 -24.45 23.56
N LEU E 17 -14.01 -23.27 23.13
CA LEU E 17 -13.45 -21.99 23.61
C LEU E 17 -13.30 -21.95 25.13
N THR E 18 -14.40 -22.28 25.81
CA THR E 18 -14.45 -22.30 27.27
C THR E 18 -13.60 -23.41 27.88
N SER E 19 -13.48 -24.55 27.20
CA SER E 19 -12.67 -25.65 27.75
C SER E 19 -11.21 -25.22 27.70
N GLU E 20 -10.92 -24.26 26.82
CA GLU E 20 -9.56 -23.79 26.57
C GLU E 20 -9.15 -22.79 27.65
N LEU E 21 -9.90 -21.70 27.76
CA LEU E 21 -9.66 -20.75 28.84
C LEU E 21 -9.40 -21.50 30.14
N THR E 22 -10.06 -22.64 30.29
CA THR E 22 -9.90 -23.51 31.47
C THR E 22 -8.48 -24.07 31.57
N ALA E 23 -8.12 -24.86 30.55
CA ALA E 23 -6.78 -25.44 30.44
C ALA E 23 -5.72 -24.36 30.64
N ILE E 24 -5.93 -23.19 30.07
CA ILE E 24 -5.02 -22.08 30.26
C ILE E 24 -4.82 -21.67 31.72
N ASN E 25 -5.87 -21.14 32.35
CA ASN E 25 -5.86 -20.89 33.79
C ASN E 25 -5.28 -22.06 34.56
N GLN E 26 -5.64 -23.27 34.14
CA GLN E 26 -5.20 -24.46 34.86
C GLN E 26 -3.74 -24.81 34.63
N TYR E 27 -3.28 -24.64 33.39
CA TYR E 27 -1.90 -24.98 33.03
C TYR E 27 -0.92 -23.95 33.56
N PHE E 28 -1.35 -22.69 33.58
CA PHE E 28 -0.54 -21.63 34.16
C PHE E 28 -0.25 -21.95 35.60
N LEU E 29 -1.29 -21.88 36.43
CA LEU E 29 -1.17 -22.03 37.87
C LEU E 29 -0.30 -23.22 38.18
N HIS E 30 -0.55 -24.31 37.47
CA HIS E 30 0.26 -25.51 37.68
C HIS E 30 1.75 -25.16 37.60
N SER E 31 2.20 -24.72 36.44
CA SER E 31 3.60 -24.35 36.24
C SER E 31 4.13 -23.52 37.41
N LYS E 32 3.43 -22.42 37.70
CA LYS E 32 3.83 -21.57 38.82
C LYS E 32 4.22 -22.41 40.03
N MET E 33 3.40 -23.43 40.30
CA MET E 33 3.64 -24.33 41.42
C MET E 33 4.99 -25.02 41.32
N GLN E 34 5.24 -25.67 40.18
CA GLN E 34 6.57 -26.21 39.88
C GLN E 34 7.64 -25.22 40.32
N ASP E 35 7.50 -23.97 39.88
CA ASP E 35 8.53 -22.96 40.08
C ASP E 35 8.76 -22.69 41.57
N ASN E 36 7.65 -22.56 42.31
CA ASN E 36 7.72 -22.34 43.74
C ASN E 36 8.27 -23.55 44.48
N TRP E 37 8.02 -24.73 43.90
CA TRP E 37 8.61 -25.98 44.38
C TRP E 37 10.08 -26.10 43.95
N GLY E 38 10.41 -25.51 42.79
CA GLY E 38 11.77 -25.54 42.28
C GLY E 38 11.89 -26.44 41.06
N PHE E 39 10.76 -27.05 40.68
CA PHE E 39 10.67 -27.80 39.44
C PHE E 39 10.65 -26.75 38.36
N THR E 40 11.61 -25.83 38.45
CA THR E 40 11.69 -24.71 37.53
C THR E 40 11.85 -25.12 36.07
N GLU E 41 12.55 -26.22 35.83
CA GLU E 41 12.66 -26.75 34.48
C GLU E 41 11.31 -27.16 33.94
N LEU E 42 10.59 -27.99 34.70
CA LEU E 42 9.24 -28.39 34.32
C LEU E 42 8.32 -27.18 34.30
N ALA E 43 8.48 -26.31 35.30
CA ALA E 43 7.72 -25.06 35.36
C ALA E 43 7.66 -24.41 34.00
N ALA E 44 8.74 -24.53 33.25
CA ALA E 44 8.84 -23.92 31.94
C ALA E 44 7.94 -24.58 30.92
N HIS E 45 8.02 -25.91 30.78
CA HIS E 45 7.19 -26.58 29.78
C HIS E 45 5.72 -26.47 30.12
N THR E 46 5.36 -26.76 31.37
CA THR E 46 3.99 -26.63 31.80
C THR E 46 3.50 -25.25 31.38
N ARG E 47 4.37 -24.27 31.53
CA ARG E 47 4.10 -22.91 31.10
C ARG E 47 3.97 -22.81 29.57
N ALA E 48 4.91 -23.43 28.87
CA ALA E 48 4.93 -23.45 27.41
C ALA E 48 3.61 -23.95 26.84
N GLU E 49 3.02 -24.94 27.49
CA GLU E 49 1.76 -25.50 27.02
C GLU E 49 0.63 -24.49 27.21
N SER E 50 0.63 -23.86 28.40
CA SER E 50 -0.36 -22.84 28.74
C SER E 50 -0.57 -21.87 27.59
N PHE E 51 0.54 -21.43 27.01
CA PHE E 51 0.51 -20.48 25.92
C PHE E 51 -0.02 -21.09 24.62
N ASP E 52 0.52 -22.24 24.24
CA ASP E 52 0.04 -22.96 23.07
C ASP E 52 -1.48 -23.08 23.18
N GLU E 53 -1.96 -23.19 24.42
CA GLU E 53 -3.38 -23.25 24.70
C GLU E 53 -4.09 -21.94 24.35
N MET E 54 -3.56 -20.84 24.88
CA MET E 54 -4.07 -19.52 24.54
C MET E 54 -4.16 -19.36 23.03
N ARG E 55 -3.19 -19.92 22.33
N ARG E 55 -3.19 -19.91 22.32
CA ARG E 55 -3.19 -19.88 20.86
CA ARG E 55 -3.20 -19.87 20.86
C ARG E 55 -4.49 -20.45 20.32
C ARG E 55 -4.52 -20.42 20.35
N HIS E 56 -4.91 -21.59 20.87
CA HIS E 56 -6.15 -22.22 20.49
C HIS E 56 -7.30 -21.30 20.88
N ALA E 57 -7.24 -20.76 22.09
CA ALA E 57 -8.21 -19.76 22.52
C ALA E 57 -8.58 -18.64 21.57
N GLU E 58 -7.56 -17.89 21.15
CA GLU E 58 -7.68 -16.83 20.16
C GLU E 58 -8.07 -17.35 18.77
N GLU E 59 -7.46 -18.47 18.40
CA GLU E 59 -7.73 -19.11 17.13
C GLU E 59 -9.22 -19.43 16.99
N ILE E 60 -9.82 -19.90 18.08
CA ILE E 60 -11.25 -20.19 18.10
C ILE E 60 -12.07 -18.90 18.08
N THR E 61 -11.76 -18.03 19.04
CA THR E 61 -12.36 -16.71 19.10
C THR E 61 -12.42 -16.08 17.71
N ASP E 62 -11.44 -16.40 16.88
CA ASP E 62 -11.36 -15.86 15.53
C ASP E 62 -12.38 -16.46 14.56
N ARG E 63 -12.64 -17.75 14.69
CA ARG E 63 -13.58 -18.43 13.81
C ARG E 63 -15.03 -18.16 14.27
N ILE E 64 -15.26 -18.19 15.59
CA ILE E 64 -16.52 -17.69 16.15
C ILE E 64 -16.86 -16.32 15.54
N LEU E 65 -16.02 -15.33 15.84
CA LEU E 65 -16.18 -13.98 15.30
C LEU E 65 -16.59 -13.90 13.82
N LEU E 66 -15.97 -14.76 13.00
CA LEU E 66 -16.12 -14.76 11.54
C LEU E 66 -17.51 -15.27 11.14
N LEU E 67 -18.00 -16.24 11.91
CA LEU E 67 -19.32 -16.84 11.70
C LEU E 67 -20.35 -16.01 12.49
N ASP E 68 -20.08 -14.72 12.57
CA ASP E 68 -20.85 -13.78 13.39
C ASP E 68 -21.32 -14.46 14.66
N GLY E 69 -20.37 -15.02 15.39
CA GLY E 69 -20.67 -15.68 16.65
C GLY E 69 -20.46 -14.69 17.76
N LEU E 70 -20.63 -15.16 19.00
CA LEU E 70 -20.47 -14.31 20.17
C LEU E 70 -19.54 -14.96 21.20
N PRO E 71 -18.24 -14.71 21.06
CA PRO E 71 -17.25 -15.26 21.98
C PRO E 71 -17.76 -15.29 23.41
N ASN E 72 -17.63 -16.42 24.08
CA ASN E 72 -18.09 -16.57 25.45
C ASN E 72 -16.93 -16.67 26.45
N TYR E 73 -16.37 -15.52 26.81
CA TYR E 73 -15.28 -15.48 27.75
C TYR E 73 -15.83 -15.45 29.18
N GLN E 74 -17.12 -15.76 29.33
CA GLN E 74 -17.73 -15.79 30.65
C GLN E 74 -17.54 -17.13 31.39
N ARG E 75 -17.65 -18.26 30.68
CA ARG E 75 -17.56 -19.55 31.35
C ARG E 75 -16.14 -20.06 31.56
N ILE E 76 -15.73 -20.16 32.82
CA ILE E 76 -14.53 -20.89 33.16
C ILE E 76 -14.88 -22.38 33.24
N GLY E 77 -13.91 -23.23 33.52
CA GLY E 77 -14.18 -24.64 33.69
C GLY E 77 -14.05 -25.09 35.13
N SER E 78 -13.99 -26.39 35.33
CA SER E 78 -13.75 -26.92 36.66
C SER E 78 -12.26 -27.17 36.84
N LEU E 79 -11.60 -26.24 37.52
CA LEU E 79 -10.17 -26.38 37.75
C LEU E 79 -9.91 -27.53 38.71
N ARG E 80 -9.18 -28.55 38.24
CA ARG E 80 -8.68 -29.59 39.12
C ARG E 80 -7.19 -29.35 39.33
N ILE E 81 -6.85 -28.67 40.43
CA ILE E 81 -5.48 -28.21 40.68
C ILE E 81 -4.65 -29.13 41.58
N GLY E 82 -3.86 -30.01 40.96
CA GLY E 82 -2.99 -30.92 41.68
C GLY E 82 -2.21 -30.28 42.81
N GLN E 83 -1.83 -31.08 43.79
CA GLN E 83 -1.08 -30.59 44.95
C GLN E 83 0.36 -31.08 44.91
N THR E 84 0.57 -32.24 44.31
CA THR E 84 1.90 -32.83 44.22
C THR E 84 2.11 -33.36 42.80
N LEU E 85 2.94 -32.66 42.03
CA LEU E 85 3.22 -33.05 40.65
C LEU E 85 2.21 -34.05 40.09
N ARG E 86 2.48 -35.33 40.28
CA ARG E 86 1.59 -36.39 39.82
C ARG E 86 0.13 -35.93 39.83
N GLU E 87 -0.26 -35.23 40.89
CA GLU E 87 -1.58 -34.64 40.98
C GLU E 87 -1.97 -33.94 39.68
N GLN E 88 -1.30 -32.83 39.38
CA GLN E 88 -1.57 -32.07 38.17
C GLN E 88 -1.60 -32.98 36.94
N PHE E 89 -0.47 -33.64 36.68
CA PHE E 89 -0.37 -34.54 35.55
C PHE E 89 -1.61 -35.32 35.10
N GLU E 90 -2.35 -35.84 36.08
CA GLU E 90 -3.63 -36.52 35.85
C GLU E 90 -4.76 -35.53 35.58
N ALA E 91 -4.73 -34.40 36.28
CA ALA E 91 -5.70 -33.34 36.09
C ALA E 91 -5.64 -32.84 34.65
N ASP E 92 -4.45 -32.47 34.21
CA ASP E 92 -4.22 -32.01 32.85
C ASP E 92 -4.73 -33.06 31.87
N LEU E 93 -4.23 -34.28 32.02
CA LEU E 93 -4.72 -35.37 31.20
C LEU E 93 -6.24 -35.36 31.13
N ALA E 94 -6.87 -35.23 32.29
CA ALA E 94 -8.32 -35.20 32.37
C ALA E 94 -8.93 -34.33 31.29
N ILE E 95 -8.59 -33.04 31.27
CA ILE E 95 -9.15 -32.13 30.29
C ILE E 95 -8.82 -32.59 28.88
N GLU E 96 -7.54 -32.88 28.65
CA GLU E 96 -7.10 -33.23 27.31
C GLU E 96 -7.83 -34.48 26.81
N TYR E 97 -8.46 -35.19 27.75
CA TYR E 97 -9.35 -36.29 27.42
C TYR E 97 -10.76 -35.74 27.21
N ASP E 98 -11.29 -35.08 28.23
CA ASP E 98 -12.55 -34.38 28.13
C ASP E 98 -12.61 -33.58 26.81
N VAL E 99 -11.43 -33.22 26.28
CA VAL E 99 -11.33 -32.50 25.02
C VAL E 99 -11.47 -33.48 23.86
N LEU E 100 -10.65 -34.53 23.90
CA LEU E 100 -10.76 -35.60 22.93
C LEU E 100 -12.21 -36.07 22.81
N ASN E 101 -12.82 -36.31 23.97
CA ASN E 101 -14.22 -36.70 24.06
C ASN E 101 -15.08 -35.81 23.17
N ARG E 102 -15.09 -34.52 23.49
CA ARG E 102 -15.85 -33.53 22.73
C ARG E 102 -15.53 -33.57 21.24
N LEU E 103 -14.30 -33.20 20.89
CA LEU E 103 -13.97 -32.82 19.51
C LEU E 103 -14.13 -33.90 18.44
N LYS E 104 -13.85 -35.16 18.79
CA LYS E 104 -13.95 -36.24 17.82
C LYS E 104 -15.23 -36.15 16.95
N PRO E 105 -16.42 -36.35 17.55
CA PRO E 105 -17.66 -36.19 16.78
C PRO E 105 -17.94 -34.73 16.42
N GLY E 106 -17.42 -33.81 17.24
CA GLY E 106 -17.58 -32.39 17.01
C GLY E 106 -17.16 -32.03 15.60
N ILE E 107 -16.04 -32.62 15.18
CA ILE E 107 -15.52 -32.42 13.84
C ILE E 107 -16.47 -33.00 12.77
N VAL E 108 -16.86 -34.25 12.95
CA VAL E 108 -17.80 -34.90 12.04
C VAL E 108 -19.04 -34.05 11.88
N MET E 109 -19.43 -33.41 12.98
CA MET E 109 -20.66 -32.64 13.02
C MET E 109 -20.50 -31.41 12.16
N CYS E 110 -19.26 -30.98 11.95
CA CYS E 110 -18.98 -29.86 11.09
C CYS E 110 -18.96 -30.29 9.62
N ARG E 111 -18.41 -31.48 9.35
CA ARG E 111 -18.43 -32.00 8.00
C ARG E 111 -19.85 -32.07 7.48
N GLU E 112 -20.72 -32.75 8.23
CA GLU E 112 -22.14 -32.89 7.88
C GLU E 112 -22.82 -31.60 7.45
N LYS E 113 -22.71 -30.58 8.30
CA LYS E 113 -23.25 -29.24 8.05
C LYS E 113 -22.55 -28.50 6.89
N GLN E 114 -21.37 -28.98 6.51
CA GLN E 114 -20.63 -28.52 5.32
C GLN E 114 -19.76 -27.27 5.53
N ASP E 115 -19.60 -26.88 6.80
CA ASP E 115 -18.59 -25.92 7.25
C ASP E 115 -17.24 -26.62 7.48
N THR E 116 -16.44 -26.66 6.42
CA THR E 116 -15.22 -27.47 6.41
C THR E 116 -14.11 -26.80 7.24
N THR E 117 -14.02 -25.48 7.12
CA THR E 117 -12.98 -24.72 7.80
C THR E 117 -12.96 -25.06 9.27
N SER E 118 -14.09 -24.82 9.92
CA SER E 118 -14.18 -24.98 11.37
C SER E 118 -13.74 -26.37 11.77
N ALA E 119 -13.94 -27.33 10.86
CA ALA E 119 -13.52 -28.71 11.07
C ALA E 119 -11.99 -28.79 11.16
N VAL E 120 -11.33 -28.29 10.12
CA VAL E 120 -9.88 -28.30 10.03
C VAL E 120 -9.27 -27.66 11.26
N LEU E 121 -9.88 -26.58 11.72
CA LEU E 121 -9.40 -25.91 12.93
C LEU E 121 -9.29 -26.91 14.08
N LEU E 122 -10.38 -27.62 14.34
CA LEU E 122 -10.41 -28.57 15.45
C LEU E 122 -9.57 -29.80 15.11
N GLU E 123 -9.44 -30.11 13.82
CA GLU E 123 -8.60 -31.21 13.38
C GLU E 123 -7.20 -31.01 13.91
N LYS E 124 -6.60 -29.89 13.53
CA LYS E 124 -5.33 -29.46 14.12
C LYS E 124 -5.36 -29.61 15.65
N ILE E 125 -6.33 -28.96 16.28
CA ILE E 125 -6.42 -28.96 17.75
C ILE E 125 -6.26 -30.34 18.38
N VAL E 126 -6.98 -31.34 17.88
CA VAL E 126 -6.85 -32.70 18.42
C VAL E 126 -5.40 -33.14 18.52
N ALA E 127 -4.68 -33.03 17.39
CA ALA E 127 -3.30 -33.48 17.29
C ALA E 127 -2.42 -32.90 18.38
N ASP E 128 -2.43 -31.57 18.50
CA ASP E 128 -1.76 -30.92 19.59
C ASP E 128 -2.22 -31.59 20.87
N GLU E 129 -3.53 -31.68 21.05
CA GLU E 129 -4.06 -32.27 22.26
C GLU E 129 -3.58 -33.72 22.44
N GLU E 130 -3.44 -34.44 21.33
CA GLU E 130 -2.93 -35.81 21.37
C GLU E 130 -1.47 -35.83 21.84
N GLU E 131 -0.64 -34.97 21.25
CA GLU E 131 0.78 -34.87 21.62
C GLU E 131 0.95 -34.56 23.11
N HIS E 132 0.15 -33.65 23.64
CA HIS E 132 0.25 -33.27 25.05
C HIS E 132 -0.20 -34.43 25.92
N ILE E 133 -1.11 -35.25 25.38
CA ILE E 133 -1.59 -36.44 26.06
C ILE E 133 -0.50 -37.50 26.28
N ASP E 134 0.17 -37.96 25.21
CA ASP E 134 1.25 -38.94 25.32
C ASP E 134 2.44 -38.42 26.11
N TYR E 135 2.74 -37.13 25.94
CA TYR E 135 3.69 -36.48 26.82
C TYR E 135 3.29 -36.85 28.23
N LEU E 136 2.06 -36.48 28.57
CA LEU E 136 1.49 -36.73 29.90
C LEU E 136 1.53 -38.19 30.36
N GLU E 137 0.79 -39.05 29.69
CA GLU E 137 0.86 -40.47 30.00
C GLU E 137 2.31 -40.92 30.09
N THR E 138 3.11 -40.57 29.08
CA THR E 138 4.52 -40.99 29.04
C THR E 138 5.30 -40.42 30.22
N GLN E 139 4.87 -39.27 30.75
CA GLN E 139 5.51 -38.75 31.97
C GLN E 139 5.11 -39.59 33.18
N LEU E 140 3.83 -39.97 33.24
CA LEU E 140 3.37 -40.86 34.30
C LEU E 140 4.02 -42.24 34.16
N GLU E 141 3.94 -42.80 32.95
CA GLU E 141 4.62 -44.06 32.63
C GLU E 141 6.09 -43.95 33.05
N LEU E 142 6.59 -42.73 33.19
CA LEU E 142 7.95 -42.50 33.66
C LEU E 142 8.03 -42.77 35.16
N MET E 143 7.32 -41.96 35.94
CA MET E 143 7.30 -42.08 37.40
C MET E 143 7.32 -43.54 37.83
N ASP E 144 6.42 -44.34 37.26
CA ASP E 144 6.43 -45.79 37.45
C ASP E 144 7.83 -46.30 37.13
N LYS E 145 8.18 -46.33 35.84
CA LYS E 145 9.51 -46.79 35.40
C LYS E 145 10.63 -46.23 36.28
N LEU E 146 10.82 -44.92 36.23
CA LEU E 146 11.84 -44.25 37.03
C LEU E 146 11.64 -44.43 38.53
N GLY E 147 12.56 -43.87 39.32
CA GLY E 147 12.47 -43.98 40.77
C GLY E 147 11.69 -42.82 41.35
N GLU E 148 10.38 -42.82 41.13
CA GLU E 148 9.52 -41.76 41.64
C GLU E 148 10.36 -40.52 41.94
N GLU E 149 10.86 -40.45 43.17
CA GLU E 149 11.71 -39.35 43.59
C GLU E 149 12.72 -38.83 42.57
N LEU E 150 13.10 -39.70 41.63
CA LEU E 150 14.06 -39.34 40.60
C LEU E 150 13.51 -38.24 39.69
N TYR E 151 12.34 -38.51 39.11
CA TYR E 151 11.70 -37.55 38.22
C TYR E 151 11.74 -36.16 38.87
N SER E 152 11.49 -36.13 40.18
CA SER E 152 11.76 -34.95 40.99
C SER E 152 13.02 -34.23 40.53
N ALA E 153 14.12 -34.96 40.47
CA ALA E 153 15.43 -34.39 40.17
C ALA E 153 15.52 -33.94 38.71
N GLN E 154 14.98 -34.75 37.81
CA GLN E 154 15.04 -34.45 36.39
C GLN E 154 14.24 -33.22 36.02
N CYS E 155 13.81 -32.48 37.04
CA CYS E 155 12.91 -31.34 36.87
C CYS E 155 13.36 -30.16 37.74
N VAL E 156 14.62 -30.20 38.17
CA VAL E 156 15.23 -29.07 38.82
C VAL E 156 16.56 -28.81 38.17
N SER E 157 17.07 -27.58 38.30
CA SER E 157 18.34 -27.21 37.72
C SER E 157 19.50 -27.83 38.50
N ARG E 158 20.49 -27.00 38.85
CA ARG E 158 21.65 -27.45 39.59
C ARG E 158 22.61 -26.31 39.89
N PRO E 159 22.40 -25.65 41.02
CA PRO E 159 21.30 -25.99 41.92
C PRO E 159 19.94 -25.72 41.30
N PRO E 160 18.87 -26.04 42.03
CA PRO E 160 17.52 -25.82 41.53
C PRO E 160 17.13 -24.34 41.54
N THR E 161 16.02 -24.01 40.90
CA THR E 161 15.55 -22.63 40.85
C THR E 161 16.68 -21.65 41.16
N MET F 3 7.15 -20.13 55.88
CA MET F 3 6.69 -18.77 56.15
C MET F 3 5.29 -18.53 55.62
N GLN F 4 4.57 -17.62 56.26
CA GLN F 4 3.30 -17.14 55.73
C GLN F 4 3.08 -15.69 56.13
N GLY F 5 2.06 -15.08 55.54
CA GLY F 5 1.69 -13.71 55.87
C GLY F 5 0.20 -13.68 56.13
N ASP F 6 -0.28 -12.55 56.66
CA ASP F 6 -1.67 -12.43 57.08
C ASP F 6 -2.65 -13.05 56.11
N PRO F 7 -3.42 -14.05 56.59
CA PRO F 7 -4.53 -14.64 55.84
C PRO F 7 -5.69 -13.65 55.58
N ASP F 8 -5.48 -12.37 55.84
CA ASP F 8 -6.46 -11.34 55.48
C ASP F 8 -6.00 -10.50 54.27
N VAL F 9 -4.71 -10.55 53.96
CA VAL F 9 -4.19 -9.91 52.74
C VAL F 9 -4.43 -10.85 51.55
N LEU F 10 -4.15 -12.13 51.76
CA LEU F 10 -4.34 -13.16 50.76
C LEU F 10 -5.74 -13.08 50.14
N ARG F 11 -6.66 -12.43 50.84
CA ARG F 11 -8.01 -12.21 50.32
C ARG F 11 -7.93 -11.07 49.31
N LEU F 12 -7.17 -10.03 49.65
CA LEU F 12 -6.97 -8.91 48.74
C LEU F 12 -6.13 -9.40 47.54
N LEU F 13 -4.96 -9.98 47.84
CA LEU F 13 -4.10 -10.53 46.81
C LEU F 13 -4.70 -11.73 46.07
N ASN F 14 -5.88 -12.16 46.50
CA ASN F 14 -6.62 -13.14 45.73
C ASN F 14 -7.89 -12.51 45.12
N GLU F 15 -8.33 -11.42 45.72
CA GLU F 15 -9.46 -10.68 45.19
C GLU F 15 -9.01 -9.84 44.02
N GLN F 16 -7.73 -9.46 44.04
CA GLN F 16 -7.14 -8.68 42.97
C GLN F 16 -6.90 -9.56 41.77
N LEU F 17 -6.24 -10.70 42.01
CA LEU F 17 -5.95 -11.64 40.94
C LEU F 17 -7.17 -11.87 40.05
N THR F 18 -8.33 -12.07 40.68
CA THR F 18 -9.57 -12.28 39.95
C THR F 18 -9.93 -11.07 39.11
N SER F 19 -9.81 -9.88 39.71
CA SER F 19 -10.11 -8.63 39.02
C SER F 19 -9.35 -8.55 37.71
N GLU F 20 -8.08 -8.96 37.73
CA GLU F 20 -7.24 -8.93 36.54
C GLU F 20 -7.69 -10.05 35.60
N LEU F 21 -7.68 -11.28 36.09
CA LEU F 21 -8.20 -12.41 35.32
C LEU F 21 -9.43 -12.01 34.54
N THR F 22 -10.31 -11.23 35.18
CA THR F 22 -11.51 -10.70 34.53
C THR F 22 -11.11 -9.76 33.41
N ALA F 23 -10.25 -8.82 33.73
CA ALA F 23 -9.84 -7.80 32.78
C ALA F 23 -9.06 -8.39 31.67
N ILE F 24 -8.17 -9.27 31.98
CA ILE F 24 -7.48 -9.99 30.92
C ILE F 24 -8.48 -10.31 29.81
N ASN F 25 -9.62 -10.87 30.20
CA ASN F 25 -10.63 -11.34 29.27
C ASN F 25 -11.43 -10.22 28.59
N GLN F 26 -12.04 -9.36 29.39
CA GLN F 26 -12.84 -8.31 28.80
C GLN F 26 -12.01 -7.44 27.86
N TYR F 27 -10.74 -7.24 28.19
CA TYR F 27 -9.82 -6.41 27.37
C TYR F 27 -9.42 -7.13 26.09
N PHE F 28 -9.19 -8.43 26.19
CA PHE F 28 -8.81 -9.20 25.00
C PHE F 28 -9.99 -9.35 24.04
N LEU F 29 -11.09 -9.93 24.52
CA LEU F 29 -12.27 -10.10 23.69
C LEU F 29 -12.57 -8.81 22.97
N HIS F 30 -12.58 -7.72 23.74
CA HIS F 30 -12.83 -6.40 23.18
C HIS F 30 -11.96 -6.15 21.95
N SER F 31 -10.64 -6.23 22.12
CA SER F 31 -9.70 -5.94 21.03
C SER F 31 -9.91 -6.78 19.77
N LYS F 32 -10.04 -8.09 19.97
CA LYS F 32 -10.36 -9.02 18.89
C LYS F 32 -11.72 -8.66 18.29
N MET F 33 -12.55 -8.01 19.09
CA MET F 33 -13.86 -7.57 18.67
C MET F 33 -13.65 -6.31 17.81
N GLN F 34 -12.83 -5.40 18.31
CA GLN F 34 -12.49 -4.18 17.59
C GLN F 34 -11.66 -4.48 16.35
N ASP F 35 -10.83 -5.51 16.45
CA ASP F 35 -10.08 -5.97 15.30
C ASP F 35 -11.09 -6.24 14.21
N ASN F 36 -12.08 -7.05 14.55
CA ASN F 36 -13.05 -7.54 13.59
C ASN F 36 -13.93 -6.47 12.94
N TRP F 37 -14.07 -5.34 13.61
CA TRP F 37 -14.87 -4.27 13.04
C TRP F 37 -14.06 -3.47 12.01
N GLY F 38 -12.74 -3.62 12.05
CA GLY F 38 -11.86 -2.86 11.18
C GLY F 38 -11.10 -1.78 11.92
N PHE F 39 -11.18 -1.80 13.24
CA PHE F 39 -10.49 -0.84 14.07
C PHE F 39 -9.18 -1.47 14.55
N THR F 40 -8.47 -1.98 13.56
CA THR F 40 -7.23 -2.70 13.73
C THR F 40 -6.12 -1.85 14.32
N GLU F 41 -6.14 -0.56 13.99
CA GLU F 41 -5.19 0.37 14.60
C GLU F 41 -5.39 0.45 16.10
N LEU F 42 -6.63 0.34 16.53
CA LEU F 42 -6.97 0.43 17.93
C LEU F 42 -6.91 -0.96 18.55
N ALA F 43 -7.45 -1.94 17.85
CA ALA F 43 -7.43 -3.31 18.37
C ALA F 43 -6.06 -3.67 18.91
N ALA F 44 -5.04 -2.98 18.38
CA ALA F 44 -3.64 -3.21 18.72
C ALA F 44 -3.26 -2.71 20.13
N HIS F 45 -3.58 -1.45 20.44
CA HIS F 45 -3.38 -0.88 21.79
C HIS F 45 -4.12 -1.68 22.86
N THR F 46 -5.43 -1.79 22.67
CA THR F 46 -6.32 -2.55 23.56
C THR F 46 -5.74 -3.91 23.89
N ARG F 47 -5.24 -4.60 22.86
CA ARG F 47 -4.68 -5.93 23.03
C ARG F 47 -3.41 -5.92 23.88
N ALA F 48 -2.63 -4.85 23.77
CA ALA F 48 -1.46 -4.71 24.60
C ALA F 48 -1.91 -4.54 26.04
N GLU F 49 -2.94 -3.73 26.23
CA GLU F 49 -3.56 -3.60 27.56
C GLU F 49 -4.01 -4.96 28.12
N SER F 50 -4.64 -5.77 27.28
CA SER F 50 -4.98 -7.12 27.67
C SER F 50 -3.77 -7.79 28.30
N PHE F 51 -2.68 -7.84 27.55
CA PHE F 51 -1.47 -8.53 27.99
C PHE F 51 -0.92 -7.85 29.22
N ASP F 52 -1.01 -6.53 29.23
CA ASP F 52 -0.54 -5.78 30.37
C ASP F 52 -1.16 -6.43 31.58
N GLU F 53 -2.48 -6.51 31.57
CA GLU F 53 -3.22 -7.11 32.66
C GLU F 53 -2.66 -8.47 33.04
N MET F 54 -2.44 -9.33 32.04
CA MET F 54 -1.89 -10.65 32.31
C MET F 54 -0.61 -10.56 33.12
N ARG F 55 0.14 -9.48 32.93
N ARG F 55 0.14 -9.48 32.91
CA ARG F 55 1.40 -9.31 33.65
CA ARG F 55 1.39 -9.28 33.63
C ARG F 55 1.09 -9.15 35.14
C ARG F 55 1.11 -9.11 35.13
N HIS F 56 0.10 -8.32 35.44
CA HIS F 56 -0.36 -8.17 36.82
C HIS F 56 -0.81 -9.51 37.40
N ALA F 57 -1.49 -10.31 36.57
CA ALA F 57 -1.97 -11.62 37.00
C ALA F 57 -0.84 -12.45 37.58
N GLU F 58 0.21 -12.65 36.80
CA GLU F 58 1.36 -13.43 37.25
C GLU F 58 2.08 -12.74 38.39
N GLU F 59 2.08 -11.41 38.37
CA GLU F 59 2.75 -10.62 39.41
C GLU F 59 2.04 -10.92 40.74
N ILE F 60 0.75 -10.58 40.84
CA ILE F 60 -0.11 -10.98 41.95
C ILE F 60 -0.11 -12.49 42.24
N THR F 61 -0.49 -13.29 41.24
CA THR F 61 -0.44 -14.75 41.36
C THR F 61 0.85 -15.20 42.04
N ASP F 62 1.97 -14.64 41.58
CA ASP F 62 3.27 -15.10 42.04
C ASP F 62 3.61 -14.59 43.44
N ARG F 63 3.00 -13.48 43.82
CA ARG F 63 3.20 -12.93 45.16
C ARG F 63 2.49 -13.81 46.16
N ILE F 64 1.28 -14.24 45.80
CA ILE F 64 0.48 -15.09 46.67
C ILE F 64 1.24 -16.37 47.03
N LEU F 65 1.76 -17.04 46.01
CA LEU F 65 2.52 -18.28 46.22
C LEU F 65 3.52 -18.22 47.36
N LEU F 66 4.30 -17.14 47.41
CA LEU F 66 5.23 -16.91 48.50
C LEU F 66 4.52 -16.90 49.84
N LEU F 67 3.50 -16.05 49.96
CA LEU F 67 2.73 -15.94 51.20
C LEU F 67 1.88 -17.18 51.49
N ASP F 68 2.06 -18.21 50.67
CA ASP F 68 1.48 -19.54 50.87
C ASP F 68 0.05 -19.70 50.39
N GLY F 69 -0.79 -18.72 50.73
CA GLY F 69 -2.21 -18.75 50.39
C GLY F 69 -2.57 -19.32 49.04
N LEU F 70 -3.48 -20.27 49.00
CA LEU F 70 -3.78 -20.87 47.72
C LEU F 70 -4.41 -19.79 46.87
N PRO F 71 -3.96 -19.65 45.62
CA PRO F 71 -4.41 -18.58 44.73
C PRO F 71 -5.69 -18.93 43.96
N ASN F 72 -6.74 -18.15 44.19
CA ASN F 72 -8.02 -18.38 43.53
C ASN F 72 -7.92 -18.23 42.01
N TYR F 73 -8.15 -19.32 41.29
CA TYR F 73 -8.09 -19.31 39.84
C TYR F 73 -9.34 -19.94 39.24
N GLN F 74 -10.44 -19.90 39.98
CA GLN F 74 -11.70 -20.48 39.53
C GLN F 74 -12.76 -19.41 39.28
N ARG F 75 -12.65 -18.31 40.00
CA ARG F 75 -13.61 -17.21 39.87
C ARG F 75 -13.17 -16.20 38.81
N ILE F 76 -14.12 -15.55 38.14
CA ILE F 76 -13.79 -14.50 37.17
C ILE F 76 -14.25 -13.12 37.62
N GLY F 77 -15.51 -12.81 37.33
CA GLY F 77 -16.04 -11.48 37.53
C GLY F 77 -17.00 -11.27 36.40
N SER F 78 -17.95 -10.37 36.56
CA SER F 78 -18.98 -10.23 35.54
C SER F 78 -18.53 -9.32 34.40
N LEU F 79 -18.34 -9.90 33.21
CA LEU F 79 -17.82 -9.13 32.06
C LEU F 79 -18.81 -8.09 31.55
N ARG F 80 -18.41 -6.82 31.57
CA ARG F 80 -19.13 -5.79 30.83
C ARG F 80 -18.60 -5.72 29.39
N ILE F 81 -19.39 -6.20 28.44
CA ILE F 81 -19.00 -6.18 27.03
C ILE F 81 -19.70 -5.09 26.23
N GLY F 82 -18.91 -4.16 25.71
CA GLY F 82 -19.44 -3.05 24.94
C GLY F 82 -19.56 -3.39 23.45
N GLN F 83 -20.67 -2.99 22.85
CA GLN F 83 -20.89 -3.25 21.43
C GLN F 83 -20.39 -2.09 20.57
N THR F 84 -20.05 -0.98 21.22
CA THR F 84 -19.55 0.19 20.52
C THR F 84 -18.27 0.73 21.16
N LEU F 85 -17.27 0.99 20.33
CA LEU F 85 -15.99 1.50 20.82
C LEU F 85 -16.16 2.26 22.14
N ARG F 86 -17.22 3.07 22.21
CA ARG F 86 -17.49 3.86 23.40
C ARG F 86 -18.15 3.02 24.52
N GLU F 87 -19.00 2.06 24.13
CA GLU F 87 -19.53 1.12 25.10
C GLU F 87 -18.36 0.34 25.69
N GLN F 88 -17.47 -0.12 24.82
CA GLN F 88 -16.32 -0.90 25.26
C GLN F 88 -15.43 -0.08 26.18
N PHE F 89 -15.08 1.14 25.77
CA PHE F 89 -14.28 2.06 26.58
C PHE F 89 -14.83 2.17 28.00
N GLU F 90 -16.14 2.44 28.10
CA GLU F 90 -16.83 2.54 29.39
C GLU F 90 -16.88 1.17 30.09
N ALA F 91 -17.31 0.16 29.36
CA ALA F 91 -17.28 -1.21 29.83
C ALA F 91 -15.98 -1.56 30.53
N ASP F 92 -14.89 -0.93 30.09
CA ASP F 92 -13.56 -1.23 30.62
C ASP F 92 -13.24 -0.32 31.77
N LEU F 93 -13.52 0.96 31.60
CA LEU F 93 -13.37 1.94 32.67
C LEU F 93 -13.86 1.36 33.98
N ALA F 94 -15.15 1.04 34.01
CA ALA F 94 -15.75 0.30 35.12
C ALA F 94 -14.95 -0.77 35.86
N ILE F 95 -14.34 -1.71 35.13
CA ILE F 95 -13.43 -2.68 35.74
C ILE F 95 -12.32 -2.00 36.54
N GLU F 96 -11.71 -1.00 35.91
CA GLU F 96 -10.49 -0.38 36.42
C GLU F 96 -10.74 0.42 37.68
N TYR F 97 -11.88 1.11 37.74
CA TYR F 97 -12.25 1.92 38.89
C TYR F 97 -12.42 1.09 40.16
N ASP F 98 -13.14 -0.01 40.06
CA ASP F 98 -13.22 -0.97 41.16
C ASP F 98 -11.83 -1.02 41.74
N VAL F 99 -10.92 -1.57 40.95
CA VAL F 99 -9.50 -1.66 41.28
C VAL F 99 -9.05 -0.47 42.15
N LEU F 100 -9.32 0.75 41.69
CA LEU F 100 -8.98 1.91 42.51
C LEU F 100 -9.77 2.05 43.81
N ASN F 101 -11.08 2.24 43.69
CA ASN F 101 -11.98 2.25 44.83
C ASN F 101 -11.73 1.15 45.88
N ARG F 102 -11.26 -0.01 45.44
CA ARG F 102 -10.91 -1.09 46.36
C ARG F 102 -9.48 -1.07 46.89
N LEU F 103 -8.56 -0.63 46.04
CA LEU F 103 -7.13 -0.76 46.34
C LEU F 103 -6.70 0.40 47.22
N LYS F 104 -7.19 1.60 46.92
CA LYS F 104 -6.84 2.77 47.70
C LYS F 104 -6.80 2.48 49.20
N PRO F 105 -7.72 1.64 49.66
CA PRO F 105 -7.77 1.25 51.07
C PRO F 105 -7.05 -0.06 51.33
N GLY F 106 -7.06 -0.96 50.34
CA GLY F 106 -6.40 -2.24 50.47
C GLY F 106 -4.91 -2.10 50.71
N ILE F 107 -4.37 -0.94 50.38
CA ILE F 107 -2.95 -0.67 50.56
C ILE F 107 -2.60 -0.53 52.03
N VAL F 108 -3.09 0.54 52.65
CA VAL F 108 -2.83 0.80 54.07
C VAL F 108 -3.02 -0.48 54.89
N MET F 109 -4.10 -1.20 54.61
CA MET F 109 -4.39 -2.44 55.33
C MET F 109 -3.13 -3.31 55.42
N CYS F 110 -2.24 -3.14 54.44
CA CYS F 110 -0.96 -3.87 54.42
C CYS F 110 0.15 -3.20 55.27
N ARG F 111 0.11 -1.87 55.34
CA ARG F 111 0.84 -1.14 56.38
C ARG F 111 0.55 -1.70 57.77
N GLU F 112 -0.74 -1.68 58.12
CA GLU F 112 -1.21 -2.14 59.43
C GLU F 112 -0.57 -3.49 59.71
N LYS F 113 -0.35 -4.27 58.66
CA LYS F 113 0.20 -5.60 58.84
C LYS F 113 1.66 -5.73 58.46
N GLN F 114 2.35 -4.59 58.37
CA GLN F 114 3.81 -4.58 58.27
C GLN F 114 4.40 -5.16 56.98
N ASP F 115 3.53 -5.75 56.16
CA ASP F 115 3.92 -6.25 54.84
C ASP F 115 4.01 -5.14 53.79
N THR F 116 5.19 -4.54 53.68
CA THR F 116 5.41 -3.42 52.78
C THR F 116 5.38 -3.85 51.32
N THR F 117 6.16 -4.88 51.00
CA THR F 117 6.27 -5.38 49.65
C THR F 117 4.91 -5.42 48.97
N SER F 118 3.97 -6.11 49.58
CA SER F 118 2.66 -6.30 48.98
C SER F 118 1.89 -5.02 48.68
N ALA F 119 2.08 -3.99 49.51
CA ALA F 119 1.48 -2.72 49.16
C ALA F 119 2.21 -2.20 47.92
N VAL F 120 3.54 -2.28 47.93
CA VAL F 120 4.37 -1.79 46.83
C VAL F 120 3.88 -2.35 45.48
N LEU F 121 3.57 -3.65 45.45
CA LEU F 121 3.00 -4.26 44.25
C LEU F 121 1.68 -3.58 43.90
N LEU F 122 0.72 -3.61 44.81
CA LEU F 122 -0.55 -2.95 44.59
C LEU F 122 -0.33 -1.52 44.13
N GLU F 123 0.60 -0.85 44.78
CA GLU F 123 0.87 0.55 44.49
C GLU F 123 1.20 0.69 43.02
N LYS F 124 2.04 -0.20 42.51
CA LYS F 124 2.41 -0.20 41.10
C LYS F 124 1.19 -0.38 40.21
N ILE F 125 0.43 -1.43 40.49
CA ILE F 125 -0.83 -1.69 39.80
C ILE F 125 -1.76 -0.48 39.75
N VAL F 126 -1.99 0.16 40.90
CA VAL F 126 -2.80 1.38 40.95
C VAL F 126 -2.36 2.43 39.93
N ALA F 127 -1.05 2.67 39.90
CA ALA F 127 -0.47 3.67 39.00
C ALA F 127 -0.69 3.34 37.52
N ASP F 128 -0.47 2.08 37.16
CA ASP F 128 -0.70 1.61 35.80
C ASP F 128 -2.16 1.67 35.47
N GLU F 129 -3.01 1.46 36.48
CA GLU F 129 -4.44 1.42 36.23
C GLU F 129 -5.00 2.83 36.23
N GLU F 130 -4.27 3.75 36.84
CA GLU F 130 -4.64 5.16 36.77
C GLU F 130 -4.37 5.72 35.38
N GLU F 131 -3.34 5.19 34.72
CA GLU F 131 -3.00 5.71 33.42
C GLU F 131 -3.88 5.12 32.35
N HIS F 132 -4.29 3.87 32.55
CA HIS F 132 -5.23 3.26 31.63
C HIS F 132 -6.55 4.04 31.64
N ILE F 133 -6.95 4.45 32.83
CA ILE F 133 -8.15 5.26 33.04
C ILE F 133 -8.02 6.63 32.37
N ASP F 134 -6.92 7.33 32.61
CA ASP F 134 -6.74 8.65 32.04
C ASP F 134 -6.64 8.59 30.51
N TYR F 135 -6.11 7.48 30.02
CA TYR F 135 -6.13 7.18 28.60
C TYR F 135 -7.58 7.06 28.14
N LEU F 136 -8.25 6.02 28.64
CA LEU F 136 -9.67 5.76 28.40
C LEU F 136 -10.51 7.03 28.49
N GLU F 137 -10.37 7.74 29.60
CA GLU F 137 -11.05 9.03 29.81
C GLU F 137 -11.08 9.84 28.53
N THR F 138 -9.88 10.10 28.04
CA THR F 138 -9.65 10.99 26.91
C THR F 138 -10.14 10.40 25.60
N GLN F 139 -10.07 9.09 25.46
CA GLN F 139 -10.71 8.46 24.32
C GLN F 139 -12.16 8.96 24.23
N LEU F 140 -12.92 8.73 25.30
CA LEU F 140 -14.32 9.13 25.33
C LEU F 140 -14.49 10.62 25.11
N GLU F 141 -13.60 11.41 25.72
CA GLU F 141 -13.60 12.84 25.48
C GLU F 141 -13.42 13.15 23.98
N LEU F 142 -12.34 12.61 23.39
CA LEU F 142 -11.97 12.89 22.00
C LEU F 142 -13.14 12.62 21.07
N MET F 143 -13.91 11.60 21.44
CA MET F 143 -15.16 11.29 20.76
C MET F 143 -16.06 12.53 20.71
N ASP F 144 -16.35 13.07 21.89
CA ASP F 144 -17.22 14.24 21.98
C ASP F 144 -16.64 15.37 21.16
N LYS F 145 -15.33 15.57 21.28
CA LYS F 145 -14.63 16.65 20.58
C LYS F 145 -14.60 16.42 19.07
N LEU F 146 -14.45 15.16 18.65
CA LEU F 146 -14.28 14.83 17.22
C LEU F 146 -15.54 14.29 16.51
N GLY F 147 -16.41 13.63 17.27
CA GLY F 147 -17.52 12.90 16.68
C GLY F 147 -17.18 11.42 16.58
N GLU F 148 -18.15 10.57 16.89
CA GLU F 148 -17.94 9.13 16.86
C GLU F 148 -17.31 8.69 15.52
N GLU F 149 -17.95 9.08 14.44
CA GLU F 149 -17.44 8.83 13.11
C GLU F 149 -15.96 9.22 13.02
N LEU F 150 -15.69 10.53 13.00
CA LEU F 150 -14.33 11.01 12.82
C LEU F 150 -13.30 10.40 13.78
N TYR F 151 -13.66 10.25 15.06
CA TYR F 151 -12.76 9.58 16.01
C TYR F 151 -12.39 8.17 15.51
N SER F 152 -13.40 7.45 15.08
CA SER F 152 -13.24 6.06 14.69
C SER F 152 -12.44 5.93 13.39
N ALA F 153 -12.29 7.03 12.67
CA ALA F 153 -11.52 7.01 11.44
C ALA F 153 -10.05 6.93 11.76
N GLN F 154 -9.71 7.24 12.99
CA GLN F 154 -8.34 7.24 13.45
C GLN F 154 -7.94 5.86 13.91
N CYS F 155 -8.93 4.98 14.03
CA CYS F 155 -8.68 3.63 14.54
C CYS F 155 -8.70 2.60 13.44
N VAL F 156 -8.99 3.03 12.22
CA VAL F 156 -8.85 2.17 11.08
C VAL F 156 -7.47 2.39 10.48
N SER F 157 -7.02 1.42 9.70
CA SER F 157 -5.80 1.56 8.92
C SER F 157 -6.09 2.27 7.61
N ARG F 158 -5.08 2.37 6.77
CA ARG F 158 -5.21 3.01 5.47
C ARG F 158 -4.46 2.17 4.44
N PRO F 159 -5.19 1.38 3.64
CA PRO F 159 -6.65 1.22 3.59
C PRO F 159 -7.18 0.42 4.78
N PRO F 160 -8.51 0.49 5.04
CA PRO F 160 -9.05 -0.05 6.28
C PRO F 160 -8.84 -1.55 6.41
N THR F 161 -8.25 -1.96 7.53
CA THR F 161 -8.03 -3.36 7.88
C THR F 161 -7.67 -4.22 6.68
FE FE G . 24.13 36.04 -9.10
FE FE H . 19.82 36.94 -7.10
C TRS I . 24.51 34.89 9.25
C1 TRS I . 23.14 34.21 9.42
C2 TRS I . 25.07 35.42 10.59
C3 TRS I . 24.45 36.00 8.23
N TRS I . 25.47 33.90 8.71
O1 TRS I . 22.08 35.15 9.48
O2 TRS I . 24.10 35.47 11.61
O3 TRS I . 25.74 36.56 8.06
CHA HEM J . 15.99 23.47 -9.88
CHB HEM J . 13.14 27.25 -8.66
CHC HEM J . 12.78 28.53 -13.37
CHD HEM J . 15.28 24.51 -14.64
C1A HEM J . 15.26 24.39 -9.11
C2A HEM J . 15.13 24.42 -7.66
C3A HEM J . 14.35 25.47 -7.34
C4A HEM J . 13.95 26.14 -8.57
CMA HEM J . 13.91 25.92 -5.92
CAA HEM J . 15.79 23.44 -6.67
CBA HEM J . 17.11 23.99 -6.15
CGA HEM J . 18.20 22.99 -6.41
O1A HEM J . 17.89 21.83 -6.83
O2A HEM J . 19.40 23.34 -6.19
C1B HEM J . 12.78 27.93 -9.81
C2B HEM J . 11.94 29.11 -9.88
C3B HEM J . 11.84 29.48 -11.17
C4B HEM J . 12.61 28.53 -11.99
CMB HEM J . 11.30 29.82 -8.67
CAB HEM J . 11.03 30.70 -11.67
CBB HEM J . 11.12 31.11 -12.95
C1C HEM J . 13.49 27.58 -14.11
C2C HEM J . 13.84 27.67 -15.53
C3C HEM J . 14.53 26.56 -15.86
C4C HEM J . 14.64 25.73 -14.68
CMC HEM J . 13.48 28.87 -16.45
CAC HEM J . 15.15 26.13 -17.20
CBC HEM J . 15.11 26.93 -18.28
C1D HEM J . 15.61 23.79 -13.51
C2D HEM J . 16.07 22.40 -13.49
C3D HEM J . 16.30 22.08 -12.00
C4D HEM J . 15.94 23.29 -11.26
CMD HEM J . 16.28 21.49 -14.72
CAD HEM J . 16.79 20.75 -11.38
CBD HEM J . 15.91 19.59 -11.84
CGD HEM J . 15.61 18.73 -10.65
O1D HEM J . 16.50 18.58 -9.76
O2D HEM J . 14.46 18.20 -10.59
NA HEM J . 14.53 25.45 -9.62
NB HEM J . 13.18 27.61 -11.11
NC HEM J . 13.99 26.38 -13.64
ND HEM J . 15.55 24.26 -12.21
FE HEM J . 14.30 25.88 -11.67
FE FE K . 4.80 20.55 -20.15
FE FE L . 3.19 19.12 -16.44
C TRS M . 9.10 6.37 -30.42
C1 TRS M . 8.92 7.19 -29.13
C2 TRS M . 8.95 4.87 -30.13
C3 TRS M . 10.50 6.65 -31.03
N TRS M . 8.08 6.72 -31.45
O1 TRS M . 7.57 7.45 -28.75
O2 TRS M . 9.97 4.38 -29.25
O3 TRS M . 11.52 6.61 -30.05
FE FE N . -11.20 -17.77 -5.18
FE FE O . -10.20 -13.83 -2.84
CHA HEM P . 1.18 -12.39 -11.66
CHB HEM P . -1.26 -16.41 -13.00
CHC HEM P . -4.36 -13.64 -15.55
CHD HEM P . -1.78 -9.64 -14.50
C1A HEM P . 0.64 -13.67 -11.63
C2A HEM P . 0.77 -14.65 -10.56
C3A HEM P . 0.11 -15.77 -10.93
C4A HEM P . -0.49 -15.52 -12.26
CMA HEM P . -0.04 -17.07 -10.12
CAA HEM P . 1.55 -14.45 -9.25
CBA HEM P . 0.68 -14.83 -8.04
CGA HEM P . 1.17 -14.13 -6.80
O1A HEM P . 0.40 -14.10 -5.80
O2A HEM P . 2.32 -13.61 -6.80
C1B HEM P . -2.35 -16.03 -13.78
C2B HEM P . -3.45 -16.86 -14.25
C3B HEM P . -4.29 -16.08 -14.94
C4B HEM P . -3.77 -14.73 -14.94
CMB HEM P . -3.69 -18.36 -14.01
CAB HEM P . -5.60 -16.54 -15.63
CBB HEM P . -6.35 -15.65 -16.28
C1C HEM P . -3.99 -12.32 -15.42
C2C HEM P . -4.79 -11.17 -15.81
C3C HEM P . -4.08 -10.06 -15.50
C4C HEM P . -2.80 -10.47 -14.93
CMC HEM P . -6.21 -11.27 -16.42
CAC HEM P . -4.50 -8.60 -15.74
CBC HEM P . -5.47 -8.35 -16.63
C1D HEM P . -0.63 -10.03 -13.81
C2D HEM P . 0.63 -9.31 -13.76
C3D HEM P . 1.56 -10.17 -12.88
C4D HEM P . 0.76 -11.32 -12.47
CMD HEM P . 0.93 -7.96 -14.46
CAD HEM P . 3.03 -9.92 -12.44
CBD HEM P . 3.51 -8.53 -12.85
CGD HEM P . 4.21 -8.61 -14.18
O1D HEM P . 4.99 -9.59 -14.39
O2D HEM P . 3.99 -7.69 -15.02
NA HEM P . -0.12 -14.24 -12.63
NB HEM P . -2.58 -14.74 -14.23
NC HEM P . -2.80 -11.85 -14.89
ND HEM P . -0.51 -11.20 -13.05
FE HEM P . -1.40 -13.04 -13.71
FE FE Q . 0.35 -9.47 -27.00
FE FE R . 3.31 -11.34 -27.23
CHA HEM S . 0.71 -13.77 26.70
CHB HEM S . -0.54 -15.17 31.22
CHC HEM S . -5.02 -16.23 29.60
CHD HEM S . -3.74 -15.16 25.02
C1A HEM S . 0.77 -13.99 28.07
C2A HEM S . 1.87 -13.70 28.97
C3A HEM S . 1.52 -14.07 30.22
C4A HEM S . 0.19 -14.65 30.16
CMA HEM S . 2.41 -13.92 31.47
CAA HEM S . 3.22 -13.02 28.62
CBA HEM S . 2.95 -11.66 27.97
CGA HEM S . 4.05 -10.72 28.36
O1A HEM S . 3.73 -9.54 28.65
O2A HEM S . 5.23 -11.16 28.39
C1B HEM S . -1.89 -15.42 31.20
C2B HEM S . -2.80 -15.41 32.33
C3B HEM S . -4.03 -15.69 31.90
C4B HEM S . -3.96 -15.91 30.45
CMB HEM S . -2.42 -15.13 33.80
CAB HEM S . -5.28 -15.79 32.78
CBB HEM S . -6.48 -15.99 32.23
C1C HEM S . -5.12 -15.89 28.25
C2C HEM S . -6.32 -15.60 27.50
C3C HEM S . -5.98 -15.30 26.25
C4C HEM S . -4.52 -15.39 26.13
CMC HEM S . -7.78 -15.61 28.01
CAC HEM S . -7.01 -14.94 25.15
CBC HEM S . -6.62 -14.82 23.89
C1D HEM S . -2.37 -14.86 25.02
C2D HEM S . -1.48 -14.97 23.88
C3D HEM S . -0.08 -14.54 24.39
C4D HEM S . -0.27 -14.21 25.81
CMD HEM S . -1.84 -15.42 22.45
CAD HEM S . 1.23 -14.48 23.56
CBD HEM S . 2.24 -15.49 24.10
CGD HEM S . 2.99 -16.22 23.00
O1D HEM S . 2.52 -17.30 22.55
O2D HEM S . 4.07 -15.73 22.59
NA HEM S . -0.24 -14.58 28.84
NB HEM S . -2.64 -15.72 30.07
NC HEM S . -4.04 -15.75 27.38
ND HEM S . -1.63 -14.42 26.12
FE HEM S . -2.16 -15.04 28.08
FE FE T . -3.04 -27.61 24.79
FE FE U . -7.45 -26.62 21.60
FE FE V . -5.67 -1.71 32.62
FE FE W . -4.63 -4.94 35.57
C TRS X . 9.87 1.93 44.78
C1 TRS X . 10.85 3.07 45.10
C2 TRS X . 9.57 1.13 46.06
C3 TRS X . 10.51 1.07 43.66
N TRS X . 8.61 2.52 44.32
O1 TRS X . 10.37 4.33 44.70
O2 TRS X . 10.07 -0.19 46.05
O3 TRS X . 9.59 0.23 42.97
#